data_7CYE
#
_entry.id   7CYE
#
_cell.length_a   1.00
_cell.length_b   1.00
_cell.length_c   1.00
_cell.angle_alpha   90.00
_cell.angle_beta   90.00
_cell.angle_gamma   90.00
#
_symmetry.space_group_name_H-M   'P 1'
#
_entity_poly.entity_id   1
_entity_poly.type   'polypeptide(L)'
_entity_poly.pdbx_seq_one_letter_code
;MDFLSNFLTDFVGQLQSPTLAFLIGGMVIAALGTQLVIPEAISTIIVFMLLTKIGLTGGMAIRNSNLTEMLLPVAFSVIL
GILIVFIARFTLAKLPNVRTVDALATGGLFGAVSGSTMAAALTTLEESKISYEAWAGALYPFMDIPALVTAIVVANIYLN
KRKRKSAAASIEESFSKQPVAAGDYGDQTDYPRTRQEYLSQQEPEDNRVKIWPIIEESLQGPALSAMLLGLALGIFTKPE
SVYEGFYDPLFRGLLSILMLIMGMEAWSRIGELRKVAQWYVVYSLIAPIVHGFIAFGLGMIAHYATGFSLGGVVVLAVIA
ASSSDISGPPTLRAGIPSANPSAYIGSSTAIGTPIAIGVCIPLFIGLAQTLGAG
;
_entity_poly.pdbx_strand_id   A,B,C
#
# COMPACT_ATOMS: atom_id res chain seq x y z
N MET A 1 14.33 -34.86 -23.56
CA MET A 1 14.29 -36.14 -22.86
C MET A 1 15.51 -36.26 -21.95
N ASP A 2 15.31 -35.96 -20.67
CA ASP A 2 16.40 -35.79 -19.72
C ASP A 2 15.96 -36.27 -18.33
N PHE A 3 16.86 -36.96 -17.63
CA PHE A 3 16.51 -37.77 -16.47
C PHE A 3 16.29 -36.94 -15.20
N LEU A 4 16.26 -37.65 -14.06
CA LEU A 4 16.12 -37.06 -12.73
C LEU A 4 17.29 -36.17 -12.34
N SER A 5 18.41 -36.25 -13.08
CA SER A 5 19.52 -35.34 -12.89
C SER A 5 19.12 -33.89 -13.17
N ASN A 6 18.16 -33.69 -14.06
CA ASN A 6 17.66 -32.35 -14.34
C ASN A 6 16.61 -31.93 -13.31
N PHE A 7 16.09 -32.88 -12.54
CA PHE A 7 15.09 -32.57 -11.53
C PHE A 7 15.70 -31.88 -10.32
N LEU A 8 16.80 -32.44 -9.81
CA LEU A 8 17.44 -31.92 -8.59
C LEU A 8 17.98 -30.52 -8.78
N THR A 9 18.50 -30.20 -9.96
CA THR A 9 18.97 -28.84 -10.19
C THR A 9 17.82 -27.87 -10.42
N ASP A 10 16.61 -28.37 -10.64
CA ASP A 10 15.47 -27.47 -10.70
C ASP A 10 14.95 -27.18 -9.31
N PHE A 11 14.88 -28.21 -8.46
CA PHE A 11 14.35 -28.09 -7.11
C PHE A 11 15.18 -27.16 -6.24
N VAL A 12 16.51 -27.15 -6.44
CA VAL A 12 17.36 -26.22 -5.71
C VAL A 12 17.10 -24.80 -6.17
N GLY A 13 16.94 -24.60 -7.47
CA GLY A 13 16.68 -23.28 -8.00
C GLY A 13 15.24 -22.83 -7.95
N GLN A 14 14.32 -23.72 -7.59
CA GLN A 14 12.92 -23.34 -7.47
C GLN A 14 12.52 -23.13 -6.02
N LEU A 15 13.24 -23.73 -5.09
CA LEU A 15 13.25 -23.36 -3.68
C LEU A 15 13.92 -22.00 -3.45
N GLN A 16 14.61 -21.49 -4.46
CA GLN A 16 15.39 -20.28 -4.36
C GLN A 16 14.64 -19.08 -4.94
N SER A 17 13.45 -19.31 -5.52
CA SER A 17 12.47 -18.41 -6.10
C SER A 17 11.83 -17.58 -4.99
N PRO A 18 11.41 -16.34 -5.25
CA PRO A 18 11.05 -15.44 -4.15
C PRO A 18 9.69 -15.70 -3.52
N THR A 19 8.91 -16.67 -3.99
CA THR A 19 7.67 -16.98 -3.31
C THR A 19 7.89 -17.94 -2.14
N LEU A 20 8.50 -19.10 -2.38
CA LEU A 20 8.73 -20.03 -1.29
C LEU A 20 9.91 -19.62 -0.41
N ALA A 21 10.77 -18.71 -0.89
CA ALA A 21 11.90 -18.30 -0.06
C ALA A 21 11.46 -17.47 1.13
N PHE A 22 10.33 -16.78 1.04
CA PHE A 22 9.89 -16.05 2.22
C PHE A 22 9.16 -16.97 3.19
N LEU A 23 8.53 -18.03 2.69
CA LEU A 23 7.81 -18.98 3.52
C LEU A 23 8.74 -19.70 4.48
N ILE A 24 9.86 -20.20 3.97
CA ILE A 24 10.83 -20.88 4.81
C ILE A 24 11.80 -19.86 5.36
N GLY A 25 11.63 -18.60 4.94
CA GLY A 25 12.28 -17.47 5.58
C GLY A 25 11.46 -16.87 6.68
N GLY A 26 10.23 -17.29 6.85
CA GLY A 26 9.42 -16.88 7.97
C GLY A 26 9.40 -17.93 9.06
N MET A 27 9.55 -19.20 8.69
CA MET A 27 9.72 -20.24 9.70
C MET A 27 11.03 -20.07 10.45
N VAL A 28 12.11 -19.74 9.73
CA VAL A 28 13.43 -19.72 10.33
C VAL A 28 13.60 -18.51 11.26
N ILE A 29 12.82 -17.45 11.08
CA ILE A 29 12.90 -16.38 12.07
C ILE A 29 11.98 -16.67 13.26
N ALA A 30 10.86 -17.37 13.04
CA ALA A 30 9.96 -17.67 14.15
C ALA A 30 10.53 -18.71 15.09
N ALA A 31 11.51 -19.49 14.63
CA ALA A 31 12.25 -20.35 15.54
C ALA A 31 13.29 -19.58 16.32
N LEU A 32 13.48 -18.30 16.02
CA LEU A 32 14.49 -17.50 16.68
C LEU A 32 13.91 -16.33 17.45
N GLY A 33 12.61 -16.34 17.76
CA GLY A 33 12.05 -15.20 18.47
C GLY A 33 11.15 -14.30 17.65
N THR A 34 11.71 -13.20 17.15
CA THR A 34 11.12 -12.22 16.20
C THR A 34 9.79 -11.62 16.67
N GLN A 35 9.88 -10.61 17.53
CA GLN A 35 8.70 -9.82 17.88
C GLN A 35 8.03 -9.05 16.73
N LEU A 36 8.56 -9.16 15.51
CA LEU A 36 7.93 -8.65 14.30
C LEU A 36 6.52 -9.18 14.15
N VAL A 37 5.60 -8.28 13.82
CA VAL A 37 4.21 -8.67 13.55
C VAL A 37 3.63 -7.65 12.57
N ILE A 38 2.96 -8.17 11.54
CA ILE A 38 2.20 -7.35 10.60
C ILE A 38 0.79 -7.25 11.16
N PRO A 39 0.22 -6.07 11.28
CA PRO A 39 -1.07 -5.92 11.96
C PRO A 39 -2.21 -6.52 11.16
N GLU A 40 -3.35 -6.68 11.84
CA GLU A 40 -4.49 -7.38 11.29
C GLU A 40 -5.20 -6.57 10.21
N ALA A 41 -5.02 -5.25 10.18
CA ALA A 41 -5.64 -4.45 9.12
C ALA A 41 -4.91 -4.62 7.80
N ILE A 42 -3.59 -4.81 7.84
CA ILE A 42 -2.85 -5.00 6.59
C ILE A 42 -3.12 -6.38 6.03
N SER A 43 -3.18 -7.38 6.90
CA SER A 43 -3.42 -8.75 6.46
C SER A 43 -4.88 -9.04 6.14
N THR A 44 -5.75 -8.03 6.05
CA THR A 44 -7.08 -8.19 5.47
C THR A 44 -7.32 -7.23 4.32
N ILE A 45 -6.31 -6.46 3.93
CA ILE A 45 -6.29 -5.80 2.63
C ILE A 45 -5.27 -6.44 1.69
N ILE A 46 -4.50 -7.40 2.18
CA ILE A 46 -3.74 -8.28 1.31
C ILE A 46 -4.57 -9.50 0.93
N VAL A 47 -5.57 -9.88 1.72
CA VAL A 47 -6.43 -10.98 1.35
C VAL A 47 -7.42 -10.56 0.27
N PHE A 48 -8.09 -9.42 0.46
CA PHE A 48 -8.64 -8.66 -0.66
C PHE A 48 -7.49 -8.08 -1.46
N MET A 49 -7.75 -7.70 -2.71
CA MET A 49 -6.80 -7.02 -3.61
C MET A 49 -5.67 -7.96 -4.03
N LEU A 50 -5.75 -9.22 -3.66
CA LEU A 50 -4.99 -10.32 -4.22
C LEU A 50 -5.89 -11.47 -4.62
N LEU A 51 -7.12 -11.50 -4.14
CA LEU A 51 -8.20 -12.27 -4.72
C LEU A 51 -9.06 -11.46 -5.66
N THR A 52 -8.68 -10.22 -5.94
CA THR A 52 -9.32 -9.47 -7.00
C THR A 52 -8.49 -9.49 -8.27
N LYS A 53 -7.18 -9.69 -8.14
CA LYS A 53 -6.36 -9.92 -9.32
C LYS A 53 -6.71 -11.24 -9.99
N ILE A 54 -7.10 -12.25 -9.20
CA ILE A 54 -7.42 -13.53 -9.79
C ILE A 54 -8.81 -13.50 -10.40
N GLY A 55 -9.71 -12.75 -9.79
CA GLY A 55 -11.03 -12.60 -10.39
C GLY A 55 -11.01 -11.77 -11.65
N LEU A 56 -10.20 -10.73 -11.69
CA LEU A 56 -10.10 -9.93 -12.92
C LEU A 56 -9.39 -10.69 -14.02
N THR A 57 -8.42 -11.54 -13.68
CA THR A 57 -7.69 -12.29 -14.71
C THR A 57 -8.57 -13.37 -15.31
N GLY A 58 -9.31 -14.09 -14.48
CA GLY A 58 -10.25 -15.06 -15.00
C GLY A 58 -11.42 -14.41 -15.71
N GLY A 59 -11.82 -13.23 -15.27
CA GLY A 59 -12.92 -12.55 -15.91
C GLY A 59 -12.56 -11.94 -17.25
N MET A 60 -11.35 -11.43 -17.39
CA MET A 60 -10.90 -10.92 -18.67
C MET A 60 -10.63 -12.01 -19.68
N ALA A 61 -10.30 -13.22 -19.23
CA ALA A 61 -10.02 -14.31 -20.15
C ALA A 61 -11.28 -14.91 -20.75
N ILE A 62 -12.45 -14.62 -20.18
CA ILE A 62 -13.68 -15.15 -20.75
C ILE A 62 -14.23 -14.23 -21.84
N ARG A 63 -13.96 -12.93 -21.78
CA ARG A 63 -14.35 -12.03 -22.87
C ARG A 63 -13.62 -12.37 -24.15
N ASN A 64 -12.30 -12.29 -24.15
CA ASN A 64 -11.53 -12.44 -25.37
C ASN A 64 -11.13 -13.89 -25.64
N SER A 65 -12.10 -14.80 -25.56
CA SER A 65 -11.90 -16.21 -25.86
C SER A 65 -13.24 -16.82 -26.21
N ASN A 66 -13.20 -17.80 -27.10
CA ASN A 66 -14.41 -18.49 -27.51
C ASN A 66 -14.86 -19.47 -26.44
N LEU A 67 -16.18 -19.62 -26.32
CA LEU A 67 -16.77 -20.55 -25.38
C LEU A 67 -17.05 -21.91 -26.01
N THR A 68 -16.24 -22.30 -26.99
CA THR A 68 -16.21 -23.66 -27.48
C THR A 68 -15.09 -24.47 -26.85
N GLU A 69 -13.89 -23.88 -26.79
CA GLU A 69 -12.70 -24.57 -26.32
C GLU A 69 -12.61 -24.68 -24.82
N MET A 70 -13.41 -23.93 -24.07
CA MET A 70 -13.35 -23.90 -22.61
C MET A 70 -14.50 -24.68 -21.98
N LEU A 71 -14.93 -25.77 -22.61
CA LEU A 71 -15.90 -26.68 -22.00
C LEU A 71 -15.27 -27.92 -21.43
N LEU A 72 -14.43 -28.61 -22.19
CA LEU A 72 -13.71 -29.76 -21.69
C LEU A 72 -12.69 -29.43 -20.59
N PRO A 73 -11.95 -28.31 -20.59
CA PRO A 73 -11.11 -28.04 -19.41
C PRO A 73 -11.88 -27.63 -18.17
N VAL A 74 -13.10 -27.14 -18.27
CA VAL A 74 -13.87 -26.80 -17.06
C VAL A 74 -14.81 -27.91 -16.64
N ALA A 75 -15.14 -28.84 -17.53
CA ALA A 75 -15.85 -30.04 -17.09
C ALA A 75 -14.89 -31.08 -16.58
N PHE A 76 -13.61 -30.96 -16.89
CA PHE A 76 -12.58 -31.75 -16.25
C PHE A 76 -11.95 -31.02 -15.08
N SER A 77 -12.58 -29.96 -14.60
CA SER A 77 -12.16 -29.23 -13.42
C SER A 77 -13.21 -29.23 -12.31
N VAL A 78 -14.48 -29.09 -12.69
CA VAL A 78 -15.57 -29.25 -11.74
C VAL A 78 -15.61 -30.69 -11.23
N ILE A 79 -15.55 -31.66 -12.15
CA ILE A 79 -15.48 -33.07 -11.78
C ILE A 79 -14.20 -33.35 -11.00
N LEU A 80 -13.11 -32.70 -11.38
CA LEU A 80 -11.86 -32.85 -10.64
C LEU A 80 -11.90 -32.11 -9.30
N GLY A 81 -12.81 -31.16 -9.13
CA GLY A 81 -12.97 -30.51 -7.85
C GLY A 81 -13.80 -31.29 -6.86
N ILE A 82 -14.87 -31.91 -7.35
CA ILE A 82 -15.77 -32.65 -6.47
C ILE A 82 -15.15 -33.99 -6.09
N LEU A 83 -14.29 -34.54 -6.94
CA LEU A 83 -13.75 -35.88 -6.70
C LEU A 83 -12.78 -35.92 -5.53
N ILE A 84 -12.08 -34.81 -5.27
CA ILE A 84 -11.01 -34.78 -4.28
C ILE A 84 -11.56 -34.97 -2.87
N VAL A 85 -12.70 -34.35 -2.57
CA VAL A 85 -13.24 -34.46 -1.22
C VAL A 85 -13.85 -35.84 -0.98
N PHE A 86 -14.36 -36.49 -2.03
CA PHE A 86 -14.89 -37.83 -1.85
C PHE A 86 -13.81 -38.89 -1.71
N ILE A 87 -12.66 -38.69 -2.38
CA ILE A 87 -11.53 -39.59 -2.18
C ILE A 87 -11.04 -39.51 -0.74
N ALA A 88 -10.92 -38.29 -0.21
CA ALA A 88 -10.51 -38.10 1.17
C ALA A 88 -11.57 -38.58 2.15
N ARG A 89 -12.83 -38.64 1.73
CA ARG A 89 -13.86 -39.24 2.56
C ARG A 89 -13.74 -40.76 2.58
N PHE A 90 -13.01 -41.35 1.64
CA PHE A 90 -12.76 -42.79 1.64
C PHE A 90 -11.31 -43.14 1.97
N THR A 91 -10.36 -42.25 1.70
CA THR A 91 -8.96 -42.55 1.97
C THR A 91 -8.62 -42.28 3.42
N LEU A 92 -8.82 -41.04 3.87
CA LEU A 92 -8.33 -40.63 5.17
C LEU A 92 -9.26 -41.07 6.31
N ALA A 93 -10.50 -41.45 5.99
CA ALA A 93 -11.49 -41.71 7.03
C ALA A 93 -11.26 -43.08 7.68
N LYS A 94 -11.20 -44.14 6.88
CA LYS A 94 -11.17 -45.51 7.42
C LYS A 94 -9.79 -45.79 8.00
N LEU A 95 -9.53 -45.20 9.18
CA LEU A 95 -8.24 -45.12 9.84
C LEU A 95 -8.38 -45.32 11.36
N PRO A 96 -7.27 -45.38 12.13
CA PRO A 96 -7.38 -45.27 13.59
C PRO A 96 -7.85 -43.91 14.12
N ASN A 97 -7.74 -43.75 15.44
CA ASN A 97 -8.54 -42.90 16.30
C ASN A 97 -8.81 -41.45 15.89
N VAL A 98 -8.05 -40.92 14.92
CA VAL A 98 -8.21 -39.53 14.52
C VAL A 98 -9.26 -39.34 13.43
N ARG A 99 -10.13 -40.32 13.23
CA ARG A 99 -11.12 -40.31 12.15
C ARG A 99 -12.38 -39.50 12.49
N THR A 100 -12.18 -38.31 13.07
CA THR A 100 -13.28 -37.38 13.27
C THR A 100 -13.57 -36.76 11.92
N VAL A 101 -14.71 -37.17 11.34
CA VAL A 101 -14.98 -36.97 9.92
C VAL A 101 -15.15 -35.49 9.59
N ASP A 102 -15.74 -34.73 10.51
CA ASP A 102 -15.85 -33.29 10.32
C ASP A 102 -14.52 -32.56 10.41
N ALA A 103 -13.53 -33.15 11.07
CA ALA A 103 -12.16 -32.66 11.00
C ALA A 103 -11.36 -33.42 9.96
N LEU A 104 -12.03 -34.11 9.05
CA LEU A 104 -11.36 -34.90 8.03
C LEU A 104 -11.86 -34.58 6.63
N ALA A 105 -13.16 -34.32 6.47
CA ALA A 105 -13.61 -33.80 5.20
C ALA A 105 -13.10 -32.39 4.96
N THR A 106 -12.87 -31.60 6.01
CA THR A 106 -12.24 -30.31 5.85
C THR A 106 -10.75 -30.42 5.61
N GLY A 107 -10.11 -31.48 6.10
CA GLY A 107 -8.75 -31.79 5.71
C GLY A 107 -8.61 -32.07 4.24
N GLY A 108 -9.68 -32.50 3.59
CA GLY A 108 -9.78 -32.47 2.14
C GLY A 108 -10.36 -31.16 1.65
N LEU A 109 -9.69 -30.05 1.95
CA LEU A 109 -10.03 -28.76 1.37
C LEU A 109 -9.29 -28.49 0.07
N PHE A 110 -8.73 -29.53 -0.56
CA PHE A 110 -7.66 -29.34 -1.55
C PHE A 110 -8.31 -28.88 -2.85
N GLY A 111 -8.59 -27.59 -2.90
CA GLY A 111 -9.11 -26.93 -4.09
C GLY A 111 -7.98 -26.32 -4.89
N ALA A 112 -7.98 -24.99 -5.01
CA ALA A 112 -6.94 -24.29 -5.75
C ALA A 112 -6.35 -23.20 -4.86
N VAL A 113 -5.16 -22.72 -5.22
CA VAL A 113 -4.47 -21.73 -4.42
C VAL A 113 -4.16 -20.48 -5.23
N SER A 114 -3.81 -19.44 -4.49
CA SER A 114 -3.23 -18.22 -5.01
C SER A 114 -1.72 -18.22 -4.90
N GLY A 115 -1.21 -18.77 -3.80
CA GLY A 115 0.21 -18.60 -3.48
C GLY A 115 1.11 -19.37 -4.40
N SER A 116 0.67 -20.54 -4.84
CA SER A 116 1.32 -21.20 -5.96
C SER A 116 0.37 -21.27 -7.13
N THR A 117 0.86 -21.85 -8.22
CA THR A 117 0.13 -22.26 -9.43
C THR A 117 -0.49 -21.12 -10.22
N MET A 118 -0.50 -19.93 -9.68
CA MET A 118 -0.80 -18.70 -10.37
C MET A 118 0.41 -17.79 -10.42
N ALA A 119 1.29 -17.89 -9.44
CA ALA A 119 2.54 -17.18 -9.43
C ALA A 119 3.74 -18.12 -9.34
N ALA A 120 3.54 -19.39 -9.02
CA ALA A 120 4.64 -20.33 -9.00
C ALA A 120 4.74 -21.14 -10.28
N ALA A 121 3.63 -21.69 -10.76
CA ALA A 121 3.67 -22.42 -12.01
C ALA A 121 3.79 -21.49 -13.20
N LEU A 122 2.97 -20.43 -13.26
CA LEU A 122 2.93 -19.55 -14.42
C LEU A 122 4.21 -18.76 -14.61
N THR A 123 4.97 -18.55 -13.55
CA THR A 123 6.25 -17.85 -13.70
C THR A 123 7.41 -18.79 -13.95
N THR A 124 7.23 -20.10 -13.77
CA THR A 124 8.19 -21.07 -14.27
C THR A 124 7.70 -21.80 -15.50
N LEU A 125 6.44 -21.60 -15.90
CA LEU A 125 5.95 -22.22 -17.13
C LEU A 125 6.58 -21.54 -18.32
N GLU A 126 6.35 -20.24 -18.46
CA GLU A 126 6.91 -19.45 -19.54
C GLU A 126 8.29 -18.92 -19.23
N GLU A 127 8.93 -19.40 -18.16
CA GLU A 127 10.31 -19.02 -17.94
C GLU A 127 11.25 -19.73 -18.89
N SER A 128 11.02 -21.02 -19.16
CA SER A 128 11.98 -21.78 -19.96
C SER A 128 11.60 -21.80 -21.43
N LYS A 129 10.63 -22.61 -21.84
CA LYS A 129 10.26 -22.66 -23.25
C LYS A 129 8.75 -22.68 -23.47
N ILE A 130 8.03 -23.44 -22.65
CA ILE A 130 6.73 -23.92 -23.06
C ILE A 130 5.68 -22.85 -22.83
N SER A 131 4.70 -22.82 -23.74
CA SER A 131 3.65 -21.81 -23.74
C SER A 131 2.34 -22.44 -23.32
N TYR A 132 1.42 -21.60 -22.86
CA TYR A 132 0.12 -22.04 -22.37
C TYR A 132 -0.94 -21.13 -22.96
N GLU A 133 -2.19 -21.35 -22.57
CA GLU A 133 -3.31 -20.63 -23.17
C GLU A 133 -3.49 -19.26 -22.54
N ALA A 134 -4.64 -18.63 -22.77
CA ALA A 134 -4.92 -17.38 -22.09
C ALA A 134 -5.69 -17.57 -20.79
N TRP A 135 -6.40 -18.67 -20.65
CA TRP A 135 -7.26 -18.89 -19.49
C TRP A 135 -6.57 -19.76 -18.45
N ALA A 136 -5.46 -19.25 -17.94
CA ALA A 136 -4.81 -19.91 -16.81
C ALA A 136 -5.60 -19.66 -15.52
N GLY A 137 -5.76 -18.40 -15.15
CA GLY A 137 -6.51 -18.03 -13.97
C GLY A 137 -8.00 -18.18 -14.06
N ALA A 138 -8.54 -18.48 -15.25
CA ALA A 138 -9.97 -18.76 -15.37
C ALA A 138 -10.33 -20.14 -14.89
N LEU A 139 -9.36 -20.99 -14.62
CA LEU A 139 -9.59 -22.26 -13.93
C LEU A 139 -9.41 -22.13 -12.44
N TYR A 140 -9.29 -20.92 -11.92
CA TYR A 140 -9.29 -20.75 -10.47
C TYR A 140 -10.69 -20.74 -9.85
N PRO A 141 -11.71 -20.00 -10.35
CA PRO A 141 -13.01 -20.04 -9.65
C PRO A 141 -13.67 -21.40 -9.69
N PHE A 142 -13.61 -22.05 -10.85
CA PHE A 142 -13.93 -23.46 -10.95
C PHE A 142 -12.84 -24.23 -10.21
N MET A 143 -13.24 -25.35 -9.60
CA MET A 143 -12.45 -26.20 -8.70
C MET A 143 -12.10 -25.49 -7.38
N ASP A 144 -12.65 -24.31 -7.13
CA ASP A 144 -12.55 -23.68 -5.82
C ASP A 144 -13.93 -23.44 -5.24
N ILE A 145 -14.85 -22.90 -6.03
CA ILE A 145 -16.25 -22.83 -5.60
C ILE A 145 -16.87 -24.21 -5.40
N PRO A 146 -16.80 -25.17 -6.36
CA PRO A 146 -17.43 -26.47 -6.07
C PRO A 146 -16.64 -27.34 -5.11
N ALA A 147 -15.34 -27.11 -4.94
CA ALA A 147 -14.56 -27.97 -4.08
C ALA A 147 -14.70 -27.63 -2.60
N LEU A 148 -15.25 -26.47 -2.26
CA LEU A 148 -15.46 -26.12 -0.85
C LEU A 148 -16.88 -26.37 -0.40
N VAL A 149 -17.87 -26.22 -1.28
CA VAL A 149 -19.25 -26.48 -0.88
C VAL A 149 -19.47 -27.97 -0.65
N THR A 150 -18.81 -28.83 -1.43
CA THR A 150 -18.91 -30.26 -1.20
C THR A 150 -18.16 -30.71 0.03
N ALA A 151 -17.24 -29.89 0.53
CA ALA A 151 -16.72 -30.16 1.86
C ALA A 151 -17.77 -29.81 2.92
N ILE A 152 -18.58 -28.78 2.66
CA ILE A 152 -19.54 -28.34 3.65
C ILE A 152 -20.77 -29.24 3.65
N VAL A 153 -21.32 -29.51 2.47
CA VAL A 153 -22.59 -30.23 2.35
C VAL A 153 -22.45 -31.66 2.84
N VAL A 154 -21.35 -32.33 2.49
CA VAL A 154 -21.12 -33.70 2.94
C VAL A 154 -20.94 -33.75 4.45
N ALA A 155 -20.11 -32.86 5.00
CA ALA A 155 -19.87 -32.88 6.43
C ALA A 155 -21.01 -32.26 7.23
N ASN A 156 -22.00 -31.65 6.58
CA ASN A 156 -23.18 -31.20 7.30
C ASN A 156 -24.29 -32.25 7.24
N ILE A 157 -24.43 -32.95 6.12
CA ILE A 157 -25.46 -33.97 6.02
C ILE A 157 -25.04 -35.23 6.77
N TYR A 158 -23.73 -35.43 6.99
CA TYR A 158 -23.29 -36.56 7.78
C TYR A 158 -23.57 -36.34 9.25
N LEU A 159 -23.57 -35.09 9.69
CA LEU A 159 -23.82 -34.81 11.10
C LEU A 159 -25.30 -34.94 11.45
N ASN A 160 -26.18 -34.59 10.52
CA ASN A 160 -27.61 -34.61 10.82
C ASN A 160 -28.15 -36.03 10.88
N LYS A 161 -27.61 -36.93 10.07
CA LYS A 161 -28.05 -38.32 10.06
C LYS A 161 -27.40 -39.15 11.17
N ARG A 162 -26.58 -38.54 12.03
CA ARG A 162 -25.92 -39.27 13.10
C ARG A 162 -26.18 -38.69 14.48
N LYS A 163 -26.20 -37.37 14.66
CA LYS A 163 -26.44 -36.77 15.95
C LYS A 163 -27.87 -36.27 16.14
N ARG A 164 -28.43 -35.59 15.13
CA ARG A 164 -29.79 -35.10 15.20
C ARG A 164 -30.78 -36.23 14.93
N LYS A 165 -30.61 -36.93 13.81
CA LYS A 165 -31.40 -38.14 13.52
C LYS A 165 -30.55 -39.34 13.88
N SER A 166 -30.45 -39.60 15.19
CA SER A 166 -29.66 -40.72 15.69
C SER A 166 -30.47 -42.01 15.66
N TRP A 212 -29.48 -24.62 -1.28
CA TRP A 212 -29.13 -23.20 -1.29
C TRP A 212 -28.71 -22.52 0.03
N PRO A 213 -29.39 -22.72 1.18
CA PRO A 213 -28.93 -22.02 2.39
C PRO A 213 -27.64 -22.57 2.98
N ILE A 214 -27.14 -23.68 2.44
CA ILE A 214 -25.86 -24.21 2.88
C ILE A 214 -24.71 -23.54 2.13
N ILE A 215 -24.85 -23.38 0.82
CA ILE A 215 -23.85 -22.69 0.02
C ILE A 215 -23.93 -21.17 0.21
N GLU A 216 -25.06 -20.66 0.71
CA GLU A 216 -25.25 -19.22 0.79
C GLU A 216 -24.38 -18.56 1.84
N GLU A 217 -24.19 -19.19 2.99
CA GLU A 217 -23.36 -18.54 4.00
C GLU A 217 -21.88 -18.60 3.64
N SER A 218 -21.48 -19.60 2.85
CA SER A 218 -20.08 -19.70 2.47
C SER A 218 -19.73 -18.69 1.38
N LEU A 219 -20.53 -18.62 0.32
CA LEU A 219 -20.24 -17.75 -0.80
C LEU A 219 -20.46 -16.28 -0.46
N GLN A 220 -21.26 -16.00 0.56
CA GLN A 220 -21.51 -14.64 1.03
C GLN A 220 -20.62 -14.44 2.24
N GLY A 221 -19.39 -14.04 1.97
CA GLY A 221 -18.39 -13.88 3.00
C GLY A 221 -17.16 -13.21 2.45
N PRO A 222 -16.24 -12.80 3.31
CA PRO A 222 -15.02 -12.15 2.82
C PRO A 222 -14.10 -13.19 2.24
N ALA A 223 -13.24 -12.74 1.33
CA ALA A 223 -12.30 -13.56 0.57
C ALA A 223 -12.97 -14.59 -0.33
N LEU A 224 -14.27 -14.50 -0.54
CA LEU A 224 -14.89 -15.24 -1.61
C LEU A 224 -15.88 -14.41 -2.40
N SER A 225 -16.46 -13.37 -1.81
CA SER A 225 -17.12 -12.34 -2.57
C SER A 225 -16.16 -11.30 -3.09
N ALA A 226 -14.92 -11.31 -2.60
CA ALA A 226 -13.85 -10.50 -3.16
C ALA A 226 -13.33 -11.07 -4.46
N MET A 227 -13.64 -12.31 -4.77
CA MET A 227 -13.30 -12.94 -6.03
C MET A 227 -14.41 -12.84 -7.05
N LEU A 228 -15.67 -12.98 -6.62
CA LEU A 228 -16.79 -12.84 -7.54
C LEU A 228 -16.99 -11.39 -7.95
N LEU A 229 -16.51 -10.45 -7.14
CA LEU A 229 -16.42 -9.07 -7.58
C LEU A 229 -15.40 -8.93 -8.69
N GLY A 230 -14.38 -9.78 -8.71
CA GLY A 230 -13.42 -9.74 -9.79
C GLY A 230 -13.95 -10.30 -11.09
N LEU A 231 -14.80 -11.32 -11.02
CA LEU A 231 -15.31 -11.93 -12.23
C LEU A 231 -16.38 -11.07 -12.90
N ALA A 232 -17.29 -10.52 -12.11
CA ALA A 232 -18.36 -9.70 -12.67
C ALA A 232 -17.84 -8.42 -13.28
N LEU A 233 -16.75 -7.89 -12.74
CA LEU A 233 -16.07 -6.76 -13.30
C LEU A 233 -15.02 -7.17 -14.31
N GLY A 234 -14.89 -8.45 -14.60
CA GLY A 234 -13.99 -8.89 -15.65
C GLY A 234 -14.76 -9.31 -16.87
N ILE A 235 -15.97 -9.83 -16.67
CA ILE A 235 -16.80 -10.25 -17.79
C ILE A 235 -17.52 -9.04 -18.39
N PHE A 236 -18.09 -8.19 -17.55
CA PHE A 236 -19.01 -7.18 -18.05
C PHE A 236 -18.32 -5.86 -18.38
N THR A 237 -17.38 -5.41 -17.57
CA THR A 237 -16.78 -4.11 -17.76
C THR A 237 -15.39 -4.25 -18.37
N LYS A 238 -14.71 -3.13 -18.52
CA LYS A 238 -13.40 -3.07 -19.18
C LYS A 238 -12.40 -2.41 -18.23
N PRO A 239 -11.89 -3.14 -17.23
CA PRO A 239 -10.92 -2.56 -16.29
C PRO A 239 -9.48 -2.75 -16.73
N GLU A 240 -9.18 -2.38 -17.96
CA GLU A 240 -7.82 -2.60 -18.44
C GLU A 240 -6.85 -1.53 -18.01
N SER A 241 -7.31 -0.47 -17.35
CA SER A 241 -6.44 0.60 -16.90
C SER A 241 -6.19 0.57 -15.41
N VAL A 242 -6.96 -0.21 -14.65
CA VAL A 242 -6.77 -0.35 -13.22
C VAL A 242 -6.19 -1.70 -12.85
N TYR A 243 -6.52 -2.75 -13.59
CA TYR A 243 -5.84 -4.04 -13.45
C TYR A 243 -4.36 -3.91 -13.74
N GLU A 244 -4.01 -3.56 -14.97
CA GLU A 244 -2.61 -3.40 -15.35
C GLU A 244 -2.21 -2.01 -14.93
N GLY A 245 -1.59 -1.90 -13.77
CA GLY A 245 -1.21 -0.64 -13.20
C GLY A 245 -1.39 -0.58 -11.69
N PHE A 246 -2.38 -1.26 -11.16
CA PHE A 246 -2.42 -1.34 -9.71
C PHE A 246 -2.63 -2.75 -9.16
N TYR A 247 -3.46 -3.56 -9.78
CA TYR A 247 -3.70 -4.89 -9.24
C TYR A 247 -2.68 -5.91 -9.72
N ASP A 248 -2.18 -5.73 -10.93
CA ASP A 248 -1.21 -6.65 -11.52
C ASP A 248 0.26 -6.39 -11.16
N PRO A 249 0.81 -5.16 -11.11
CA PRO A 249 2.23 -5.04 -10.78
C PRO A 249 2.56 -5.36 -9.34
N LEU A 250 1.77 -4.89 -8.39
CA LEU A 250 1.99 -5.27 -7.00
C LEU A 250 1.13 -6.45 -6.58
N PHE A 251 1.13 -7.51 -7.38
CA PHE A 251 0.56 -8.79 -6.99
C PHE A 251 1.62 -9.74 -6.49
N ARG A 252 2.73 -9.83 -7.22
CA ARG A 252 3.80 -10.74 -6.84
C ARG A 252 4.49 -10.27 -5.57
N GLY A 253 4.51 -8.97 -5.34
CA GLY A 253 5.12 -8.44 -4.14
C GLY A 253 4.26 -8.65 -2.92
N LEU A 254 2.95 -8.40 -3.02
CA LEU A 254 2.06 -8.57 -1.88
C LEU A 254 1.85 -10.02 -1.51
N LEU A 255 2.13 -10.94 -2.42
CA LEU A 255 2.09 -12.35 -2.06
C LEU A 255 3.25 -12.73 -1.14
N SER A 256 4.36 -12.01 -1.21
CA SER A 256 5.47 -12.30 -0.34
C SER A 256 5.28 -11.78 1.07
N ILE A 257 4.42 -10.77 1.28
CA ILE A 257 4.05 -10.40 2.63
C ILE A 257 3.12 -11.44 3.22
N LEU A 258 2.20 -11.95 2.40
CA LEU A 258 1.22 -12.92 2.86
C LEU A 258 1.79 -14.31 3.00
N MET A 259 2.90 -14.62 2.32
CA MET A 259 3.67 -15.80 2.65
C MET A 259 4.75 -15.54 3.69
N LEU A 260 4.68 -14.42 4.38
CA LEU A 260 5.50 -14.25 5.56
C LEU A 260 4.67 -14.42 6.82
N ILE A 261 3.42 -13.95 6.77
CA ILE A 261 2.46 -14.25 7.83
C ILE A 261 2.24 -15.74 7.91
N MET A 262 2.02 -16.38 6.76
CA MET A 262 1.71 -17.79 6.70
C MET A 262 2.91 -18.64 7.06
N GLY A 263 4.11 -18.09 7.02
CA GLY A 263 5.30 -18.84 7.38
C GLY A 263 5.59 -18.84 8.86
N MET A 264 5.42 -17.71 9.54
CA MET A 264 5.76 -17.64 10.95
C MET A 264 4.56 -17.85 11.86
N GLU A 265 3.36 -18.01 11.29
CA GLU A 265 2.25 -18.59 12.02
C GLU A 265 2.14 -20.09 11.79
N ALA A 266 3.15 -20.68 11.13
CA ALA A 266 3.19 -22.10 10.88
C ALA A 266 4.21 -22.81 11.75
N TRP A 267 4.98 -22.09 12.56
CA TRP A 267 5.96 -22.75 13.39
C TRP A 267 5.30 -23.42 14.59
N SER A 268 4.41 -22.70 15.26
CA SER A 268 3.72 -23.29 16.40
C SER A 268 2.66 -24.28 15.96
N ARG A 269 2.02 -24.00 14.82
CA ARG A 269 0.90 -24.81 14.37
C ARG A 269 1.33 -26.18 13.85
N ILE A 270 2.58 -26.31 13.39
CA ILE A 270 3.07 -27.64 13.05
C ILE A 270 3.55 -28.37 14.30
N GLY A 271 3.84 -27.66 15.38
CA GLY A 271 4.19 -28.29 16.63
C GLY A 271 2.95 -28.72 17.38
N GLU A 272 1.86 -27.94 17.22
CA GLU A 272 0.59 -28.32 17.81
C GLU A 272 -0.03 -29.49 17.08
N LEU A 273 0.37 -29.74 15.83
CA LEU A 273 -0.12 -30.86 15.05
C LEU A 273 0.36 -32.20 15.60
N ARG A 274 1.43 -32.22 16.40
CA ARG A 274 1.87 -33.44 17.06
C ARG A 274 0.86 -33.96 18.07
N LYS A 275 0.05 -33.08 18.66
CA LYS A 275 -1.05 -33.48 19.51
C LYS A 275 -2.15 -34.22 18.78
N VAL A 276 -2.39 -33.88 17.51
CA VAL A 276 -3.56 -34.38 16.79
C VAL A 276 -3.36 -35.82 16.37
N ALA A 277 -2.35 -36.08 15.53
CA ALA A 277 -2.29 -37.36 14.85
C ALA A 277 -0.86 -37.69 14.45
N GLN A 278 -0.74 -38.84 13.79
CA GLN A 278 0.42 -39.21 13.01
C GLN A 278 0.04 -39.52 11.57
N TRP A 279 -1.23 -39.30 11.21
CA TRP A 279 -1.74 -39.67 9.91
C TRP A 279 -2.06 -38.47 9.03
N TYR A 280 -2.27 -37.28 9.60
CA TYR A 280 -2.41 -36.10 8.76
C TYR A 280 -1.10 -35.67 8.15
N VAL A 281 0.03 -36.09 8.72
CA VAL A 281 1.31 -35.84 8.08
C VAL A 281 1.46 -36.67 6.82
N VAL A 282 1.09 -37.96 6.89
CA VAL A 282 1.28 -38.86 5.77
C VAL A 282 0.36 -38.50 4.62
N TYR A 283 -0.86 -38.07 4.93
CA TYR A 283 -1.75 -37.56 3.89
C TYR A 283 -1.23 -36.26 3.29
N SER A 284 -0.46 -35.49 4.05
CA SER A 284 0.04 -34.23 3.53
C SER A 284 1.24 -34.39 2.61
N LEU A 285 2.05 -35.43 2.80
CA LEU A 285 3.21 -35.62 1.93
C LEU A 285 2.89 -36.35 0.64
N ILE A 286 1.75 -37.03 0.56
CA ILE A 286 1.47 -37.95 -0.53
C ILE A 286 0.34 -37.43 -1.42
N ALA A 287 -0.73 -36.91 -0.82
CA ALA A 287 -1.87 -36.46 -1.62
C ALA A 287 -1.61 -35.29 -2.56
N PRO A 288 -0.69 -34.35 -2.33
CA PRO A 288 -0.31 -33.46 -3.43
C PRO A 288 0.47 -34.13 -4.54
N ILE A 289 0.92 -35.37 -4.38
CA ILE A 289 1.50 -36.08 -5.51
C ILE A 289 0.43 -36.87 -6.25
N VAL A 290 -0.44 -37.58 -5.50
CA VAL A 290 -1.38 -38.48 -6.15
C VAL A 290 -2.57 -37.72 -6.75
N HIS A 291 -2.82 -36.48 -6.33
CA HIS A 291 -3.86 -35.68 -6.97
C HIS A 291 -3.39 -35.08 -8.28
N GLY A 292 -2.11 -35.10 -8.56
CA GLY A 292 -1.60 -34.61 -9.82
C GLY A 292 -1.73 -35.62 -10.93
N PHE A 293 -1.36 -36.88 -10.65
CA PHE A 293 -1.36 -37.90 -11.69
C PHE A 293 -2.76 -38.32 -12.09
N ILE A 294 -3.73 -38.24 -11.17
CA ILE A 294 -5.11 -38.48 -11.57
C ILE A 294 -5.69 -37.27 -12.27
N ALA A 295 -4.97 -36.16 -12.28
CA ALA A 295 -5.35 -34.97 -13.05
C ALA A 295 -4.54 -34.84 -14.32
N PHE A 296 -3.32 -35.37 -14.33
CA PHE A 296 -2.46 -35.28 -15.50
C PHE A 296 -2.93 -36.23 -16.59
N GLY A 297 -3.35 -37.43 -16.21
CA GLY A 297 -3.92 -38.34 -17.18
C GLY A 297 -5.34 -37.97 -17.57
N LEU A 298 -6.10 -37.41 -16.63
CA LEU A 298 -7.44 -36.94 -16.94
C LEU A 298 -7.39 -35.64 -17.73
N GLY A 299 -6.29 -34.90 -17.61
CA GLY A 299 -6.05 -33.80 -18.53
C GLY A 299 -5.45 -34.21 -19.85
N MET A 300 -5.12 -35.50 -20.01
CA MET A 300 -4.53 -35.98 -21.25
C MET A 300 -5.62 -36.46 -22.21
N ILE A 301 -6.85 -36.07 -21.93
CA ILE A 301 -8.00 -36.41 -22.82
C ILE A 301 -8.34 -35.16 -23.64
N ALA A 302 -7.93 -33.99 -23.13
CA ALA A 302 -8.18 -32.69 -23.80
C ALA A 302 -7.10 -32.41 -24.85
N HIS A 303 -5.97 -33.11 -24.74
CA HIS A 303 -4.86 -32.93 -25.72
C HIS A 303 -5.12 -33.79 -26.96
N TYR A 304 -6.05 -34.75 -26.86
CA TYR A 304 -6.37 -35.65 -27.99
C TYR A 304 -7.86 -35.55 -28.32
N ALA A 305 -8.47 -34.38 -28.06
CA ALA A 305 -9.91 -34.18 -28.36
C ALA A 305 -10.24 -32.69 -28.39
N THR A 306 -9.39 -31.84 -27.79
CA THR A 306 -9.65 -30.38 -27.75
C THR A 306 -8.37 -29.61 -28.10
N GLY A 307 -8.41 -28.28 -27.98
CA GLY A 307 -7.24 -27.42 -28.27
C GLY A 307 -6.36 -27.23 -27.05
N PHE A 308 -6.86 -27.61 -25.87
CA PHE A 308 -6.08 -27.51 -24.61
C PHE A 308 -4.72 -28.16 -24.83
N SER A 309 -3.67 -27.33 -24.97
CA SER A 309 -2.34 -27.84 -25.25
C SER A 309 -1.68 -28.55 -24.07
N LEU A 310 -0.60 -29.27 -24.35
CA LEU A 310 0.17 -30.00 -23.34
C LEU A 310 0.82 -29.03 -22.37
N GLY A 311 1.08 -27.80 -22.82
CA GLY A 311 1.58 -26.78 -21.90
C GLY A 311 0.48 -26.20 -21.02
N GLY A 312 -0.77 -26.55 -21.30
CA GLY A 312 -1.87 -26.12 -20.46
C GLY A 312 -2.30 -27.18 -19.48
N VAL A 313 -2.04 -28.45 -19.81
CA VAL A 313 -2.36 -29.60 -18.97
C VAL A 313 -1.59 -29.50 -17.67
N VAL A 314 -0.32 -29.09 -17.78
CA VAL A 314 0.49 -28.87 -16.59
C VAL A 314 -0.02 -27.70 -15.76
N VAL A 315 -0.70 -26.73 -16.40
CA VAL A 315 -1.37 -25.67 -15.65
C VAL A 315 -2.81 -26.06 -15.38
N LEU A 316 -3.12 -27.35 -15.46
CA LEU A 316 -4.32 -27.91 -14.87
C LEU A 316 -3.99 -28.93 -13.80
N ALA A 317 -2.83 -29.58 -13.88
CA ALA A 317 -2.49 -30.64 -12.96
C ALA A 317 -1.77 -30.15 -11.72
N VAL A 318 -1.12 -28.98 -11.79
CA VAL A 318 -0.55 -28.43 -10.57
C VAL A 318 -1.60 -27.65 -9.79
N ILE A 319 -2.71 -27.25 -10.44
CA ILE A 319 -3.77 -26.53 -9.75
C ILE A 319 -4.51 -27.46 -8.81
N ALA A 320 -4.61 -28.74 -9.17
CA ALA A 320 -5.39 -29.72 -8.44
C ALA A 320 -4.62 -30.40 -7.32
N ALA A 321 -3.42 -29.93 -7.02
CA ALA A 321 -2.55 -30.53 -6.02
C ALA A 321 -2.03 -29.44 -5.10
N SER A 322 -2.92 -28.61 -4.59
CA SER A 322 -2.54 -27.27 -4.17
C SER A 322 -2.84 -26.88 -2.73
N SER A 323 -3.97 -27.35 -2.15
CA SER A 323 -4.33 -27.14 -0.75
C SER A 323 -4.52 -25.66 -0.36
N SER A 324 -5.69 -25.10 -0.69
CA SER A 324 -6.04 -23.68 -0.54
C SER A 324 -5.63 -23.06 0.79
N ASP A 325 -5.32 -21.76 0.74
CA ASP A 325 -4.71 -21.05 1.85
C ASP A 325 -5.47 -19.77 2.21
N ILE A 326 -6.10 -19.14 1.22
CA ILE A 326 -6.69 -17.83 1.38
C ILE A 326 -8.21 -17.90 1.31
N SER A 327 -8.75 -18.55 0.29
CA SER A 327 -10.18 -18.81 0.23
C SER A 327 -10.60 -19.93 1.17
N GLY A 328 -9.67 -20.73 1.64
CA GLY A 328 -9.98 -21.88 2.44
C GLY A 328 -10.48 -21.58 3.83
N PRO A 329 -9.63 -21.10 4.73
CA PRO A 329 -9.98 -21.02 6.16
C PRO A 329 -10.97 -19.93 6.54
N PRO A 330 -11.14 -18.83 5.77
CA PRO A 330 -12.35 -18.02 6.01
C PRO A 330 -13.65 -18.76 5.74
N THR A 331 -13.71 -19.61 4.72
CA THR A 331 -14.78 -20.58 4.64
C THR A 331 -14.42 -21.78 5.51
N LEU A 332 -15.27 -22.81 5.51
CA LEU A 332 -15.04 -24.07 6.26
C LEU A 332 -14.85 -23.92 7.77
N ARG A 333 -15.06 -22.72 8.28
CA ARG A 333 -15.03 -22.35 9.68
C ARG A 333 -16.35 -21.75 10.13
N ALA A 334 -16.91 -20.84 9.32
CA ALA A 334 -18.27 -20.41 9.51
C ALA A 334 -19.27 -21.38 8.90
N GLY A 335 -18.85 -22.17 7.92
CA GLY A 335 -19.70 -23.20 7.37
C GLY A 335 -19.69 -24.44 8.22
N ILE A 336 -18.50 -24.91 8.59
CA ILE A 336 -18.37 -26.05 9.48
C ILE A 336 -17.75 -25.57 10.78
N PRO A 337 -18.54 -25.34 11.83
CA PRO A 337 -17.96 -24.86 13.09
C PRO A 337 -17.21 -25.93 13.84
N SER A 338 -17.75 -27.15 13.94
CA SER A 338 -17.08 -28.25 14.65
C SER A 338 -15.94 -28.73 13.77
N ALA A 339 -14.79 -28.06 13.92
CA ALA A 339 -13.79 -28.08 12.86
C ALA A 339 -12.43 -28.61 13.30
N ASN A 340 -12.05 -28.36 14.56
CA ASN A 340 -10.71 -28.54 15.12
C ASN A 340 -9.70 -27.82 14.24
N PRO A 341 -9.64 -26.47 14.28
CA PRO A 341 -8.97 -25.69 13.23
C PRO A 341 -7.45 -25.73 13.27
N SER A 342 -6.89 -26.94 13.31
CA SER A 342 -5.46 -27.12 13.12
C SER A 342 -5.23 -28.31 12.20
N ALA A 343 -6.22 -29.20 12.12
CA ALA A 343 -6.08 -30.39 11.29
C ALA A 343 -6.14 -30.04 9.82
N TYR A 344 -6.98 -29.08 9.45
CA TYR A 344 -7.09 -28.73 8.04
C TYR A 344 -6.27 -27.50 7.64
N ILE A 345 -5.78 -26.72 8.60
CA ILE A 345 -4.91 -25.60 8.28
C ILE A 345 -3.45 -25.98 8.41
N GLY A 346 -3.11 -26.71 9.47
CA GLY A 346 -1.74 -27.20 9.63
C GLY A 346 -1.32 -28.23 8.61
N SER A 347 -2.26 -28.83 7.89
CA SER A 347 -1.95 -29.77 6.83
C SER A 347 -1.93 -29.12 5.46
N SER A 348 -2.31 -27.86 5.35
CA SER A 348 -2.39 -27.19 4.07
C SER A 348 -1.38 -26.06 3.92
N THR A 349 -1.12 -25.29 4.97
CA THR A 349 -0.21 -24.17 4.90
C THR A 349 1.16 -24.50 5.47
N ALA A 350 1.30 -25.62 6.15
CA ALA A 350 2.58 -25.99 6.74
C ALA A 350 3.25 -27.13 6.01
N ILE A 351 2.51 -28.16 5.61
CA ILE A 351 3.14 -29.29 4.95
C ILE A 351 2.59 -29.36 3.52
N GLY A 352 1.36 -28.90 3.33
CA GLY A 352 0.69 -29.00 2.04
C GLY A 352 1.31 -28.22 0.90
N THR A 353 1.33 -26.89 1.02
CA THR A 353 1.96 -26.06 0.00
C THR A 353 3.50 -26.08 -0.09
N PRO A 354 4.31 -26.36 0.95
CA PRO A 354 5.74 -26.55 0.67
C PRO A 354 6.06 -27.79 -0.13
N ILE A 355 5.23 -28.84 -0.05
CA ILE A 355 5.39 -29.95 -0.98
C ILE A 355 4.72 -29.63 -2.31
N ALA A 356 3.66 -28.84 -2.31
CA ALA A 356 2.99 -28.46 -3.55
C ALA A 356 3.79 -27.49 -4.40
N ILE A 357 4.88 -26.91 -3.89
CA ILE A 357 5.76 -26.09 -4.70
C ILE A 357 7.10 -26.81 -4.71
N GLY A 358 7.31 -27.69 -3.74
CA GLY A 358 8.57 -28.40 -3.66
C GLY A 358 8.75 -29.43 -4.74
N VAL A 359 7.98 -30.53 -4.70
CA VAL A 359 8.32 -31.71 -5.47
C VAL A 359 7.27 -32.06 -6.52
N CYS A 360 6.37 -31.13 -6.85
CA CYS A 360 5.40 -31.44 -7.90
C CYS A 360 5.27 -30.39 -8.99
N ILE A 361 5.66 -29.15 -8.77
CA ILE A 361 5.80 -28.28 -9.94
C ILE A 361 7.09 -28.55 -10.71
N PRO A 362 8.29 -28.81 -10.14
CA PRO A 362 9.38 -29.25 -11.03
C PRO A 362 9.20 -30.66 -11.54
N LEU A 363 8.32 -31.46 -10.93
CA LEU A 363 8.01 -32.78 -11.47
C LEU A 363 7.24 -32.67 -12.78
N PHE A 364 6.07 -32.03 -12.76
CA PHE A 364 5.22 -32.02 -13.94
C PHE A 364 5.71 -31.08 -15.03
N ILE A 365 6.71 -30.23 -14.77
CA ILE A 365 7.41 -29.59 -15.87
C ILE A 365 8.28 -30.62 -16.59
N GLY A 366 8.95 -31.49 -15.82
CA GLY A 366 9.74 -32.54 -16.41
C GLY A 366 8.92 -33.61 -17.11
N LEU A 367 7.72 -33.87 -16.61
CA LEU A 367 6.79 -34.73 -17.34
C LEU A 367 6.34 -34.08 -18.64
N ALA A 368 6.15 -32.76 -18.62
CA ALA A 368 5.76 -32.06 -19.83
C ALA A 368 6.91 -31.96 -20.81
N GLN A 369 8.13 -31.84 -20.31
CA GLN A 369 9.30 -31.84 -21.20
C GLN A 369 9.65 -33.22 -21.72
N THR A 370 9.09 -34.27 -21.13
CA THR A 370 9.35 -35.62 -21.64
C THR A 370 8.61 -35.84 -22.96
N LEU A 371 7.40 -35.32 -23.06
CA LEU A 371 6.59 -35.51 -24.26
C LEU A 371 7.07 -34.59 -25.38
N MET B 1 37.25 22.56 -8.96
CA MET B 1 37.77 23.34 -7.85
C MET B 1 37.01 24.66 -7.76
N ASP B 2 36.03 24.70 -6.86
CA ASP B 2 35.05 25.78 -6.79
C ASP B 2 34.64 26.03 -5.34
N PHE B 3 34.51 27.31 -4.98
CA PHE B 3 34.46 27.74 -3.58
C PHE B 3 33.12 27.51 -2.92
N LEU B 4 32.93 28.13 -1.74
CA LEU B 4 31.70 28.09 -0.97
C LEU B 4 30.52 28.73 -1.69
N SER B 5 30.77 29.48 -2.76
CA SER B 5 29.71 30.00 -3.61
C SER B 5 28.90 28.89 -4.25
N ASN B 6 29.55 27.74 -4.50
CA ASN B 6 28.83 26.60 -5.05
C ASN B 6 28.13 25.81 -3.96
N PHE B 7 28.47 26.06 -2.70
CA PHE B 7 27.86 25.36 -1.58
C PHE B 7 26.44 25.86 -1.32
N LEU B 8 26.27 27.18 -1.25
CA LEU B 8 24.98 27.78 -0.92
C LEU B 8 23.92 27.48 -1.96
N THR B 9 24.30 27.43 -3.25
CA THR B 9 23.33 27.09 -4.26
C THR B 9 23.01 25.61 -4.28
N ASP B 10 23.81 24.78 -3.59
CA ASP B 10 23.45 23.39 -3.46
C ASP B 10 22.49 23.19 -2.30
N PHE B 11 22.75 23.89 -1.19
CA PHE B 11 21.94 23.75 0.02
C PHE B 11 20.51 24.22 -0.19
N VAL B 12 20.31 25.24 -1.01
CA VAL B 12 18.96 25.69 -1.34
C VAL B 12 18.25 24.64 -2.18
N GLY B 13 18.95 24.06 -3.14
CA GLY B 13 18.37 23.05 -4.00
C GLY B 13 18.34 21.66 -3.41
N GLN B 14 19.01 21.43 -2.28
CA GLN B 14 18.97 20.12 -1.64
C GLN B 14 18.00 20.09 -0.47
N LEU B 15 17.70 21.25 0.12
CA LEU B 15 16.54 21.46 0.97
C LEU B 15 15.24 21.39 0.18
N GLN B 16 15.31 21.43 -1.14
CA GLN B 16 14.16 21.50 -2.02
C GLN B 16 13.82 20.13 -2.59
N SER B 17 14.63 19.11 -2.30
CA SER B 17 14.55 17.70 -2.61
C SER B 17 13.40 17.06 -1.85
N PRO B 18 12.74 16.02 -2.38
CA PRO B 18 11.47 15.59 -1.80
C PRO B 18 11.59 14.77 -0.53
N THR B 19 12.80 14.49 -0.04
CA THR B 19 12.89 13.79 1.24
C THR B 19 12.83 14.77 2.41
N LEU B 20 13.69 15.78 2.44
CA LEU B 20 13.65 16.74 3.54
C LEU B 20 12.51 17.74 3.39
N ALA B 21 11.93 17.88 2.21
CA ALA B 21 10.84 18.83 2.04
C ALA B 21 9.58 18.39 2.76
N PHE B 22 9.39 17.09 2.97
CA PHE B 22 8.22 16.69 3.73
C PHE B 22 8.48 16.81 5.23
N LEU B 23 9.73 16.68 5.65
CA LEU B 23 10.08 16.77 7.07
C LEU B 23 9.80 18.16 7.61
N ILE B 24 10.22 19.19 6.89
CA ILE B 24 9.98 20.56 7.31
C ILE B 24 8.64 21.01 6.75
N GLY B 25 8.00 20.13 5.97
CA GLY B 25 6.62 20.29 5.60
C GLY B 25 5.67 19.62 6.55
N GLY B 26 6.17 18.86 7.50
CA GLY B 26 5.36 18.29 8.55
C GLY B 26 5.46 19.10 9.83
N MET B 27 6.60 19.74 10.05
CA MET B 27 6.71 20.67 11.17
C MET B 27 5.80 21.88 10.96
N VAL B 28 5.75 22.41 9.74
CA VAL B 28 5.04 23.65 9.49
C VAL B 28 3.53 23.45 9.54
N ILE B 29 3.03 22.24 9.34
CA ILE B 29 1.61 22.04 9.54
C ILE B 29 1.30 21.76 11.01
N ALA B 30 2.22 21.12 11.74
CA ALA B 30 1.97 20.82 13.15
C ALA B 30 2.02 22.07 14.01
N ALA B 31 2.64 23.13 13.52
CA ALA B 31 2.55 24.42 14.19
C ALA B 31 1.24 25.11 13.88
N LEU B 32 0.44 24.56 12.99
CA LEU B 32 -0.82 25.17 12.59
C LEU B 32 -2.04 24.33 12.94
N GLY B 33 -1.91 23.35 13.83
CA GLY B 33 -3.06 22.52 14.13
C GLY B 33 -3.00 21.10 13.58
N THR B 34 -3.65 20.88 12.43
CA THR B 34 -3.65 19.65 11.61
C THR B 34 -4.08 18.39 12.36
N GLN B 35 -5.38 18.20 12.49
CA GLN B 35 -5.91 16.93 13.00
C GLN B 35 -5.59 15.70 12.15
N LEU B 36 -4.88 15.84 11.03
CA LEU B 36 -4.36 14.73 10.24
C LEU B 36 -3.54 13.79 11.10
N VAL B 37 -3.78 12.49 10.93
CA VAL B 37 -2.99 11.48 11.61
C VAL B 37 -2.99 10.21 10.74
N ILE B 38 -1.81 9.63 10.56
CA ILE B 38 -1.66 8.35 9.89
C ILE B 38 -1.74 7.29 10.99
N PRO B 39 -2.57 6.26 10.84
CA PRO B 39 -2.79 5.32 11.94
C PRO B 39 -1.57 4.45 12.20
N GLU B 40 -1.61 3.78 13.35
CA GLU B 40 -0.47 3.03 13.84
C GLU B 40 -0.23 1.75 13.06
N ALA B 41 -1.23 1.24 12.35
CA ALA B 41 -1.02 0.05 11.53
C ALA B 41 -0.25 0.36 10.27
N ILE B 42 -0.44 1.55 9.70
CA ILE B 42 0.30 1.92 8.50
C ILE B 42 1.74 2.23 8.85
N SER B 43 1.97 2.91 9.96
CA SER B 43 3.31 3.26 10.38
C SER B 43 4.07 2.11 11.02
N THR B 44 3.58 0.88 10.95
CA THR B 44 4.37 -0.30 11.28
C THR B 44 4.44 -1.29 10.13
N ILE B 45 3.87 -0.94 8.98
CA ILE B 45 4.18 -1.61 7.73
C ILE B 45 5.00 -0.71 6.81
N ILE B 46 5.23 0.53 7.19
CA ILE B 46 6.24 1.36 6.57
C ILE B 46 7.59 1.16 7.27
N VAL B 47 7.60 0.74 8.52
CA VAL B 47 8.88 0.48 9.19
C VAL B 47 9.46 -0.84 8.71
N PHE B 48 8.66 -1.90 8.69
CA PHE B 48 8.92 -3.04 7.82
C PHE B 48 8.72 -2.60 6.37
N MET B 49 9.27 -3.34 5.42
CA MET B 49 9.11 -3.15 3.96
C MET B 49 9.80 -1.86 3.49
N LEU B 50 10.53 -1.20 4.38
CA LEU B 50 11.51 -0.18 4.08
C LEU B 50 12.83 -0.47 4.77
N LEU B 51 12.85 -1.35 5.76
CA LEU B 51 14.05 -2.01 6.23
C LEU B 51 14.23 -3.39 5.63
N THR B 52 13.39 -3.75 4.67
CA THR B 52 13.65 -4.94 3.89
C THR B 52 14.26 -4.59 2.54
N LYS B 53 14.02 -3.38 2.05
CA LYS B 53 14.73 -2.92 0.87
C LYS B 53 16.20 -2.73 1.15
N ILE B 54 16.55 -2.35 2.38
CA ILE B 54 17.95 -2.13 2.68
C ILE B 54 18.65 -3.46 2.95
N GLY B 55 17.93 -4.41 3.52
CA GLY B 55 18.49 -5.74 3.68
C GLY B 55 18.67 -6.48 2.38
N LEU B 56 17.72 -6.34 1.45
CA LEU B 56 17.87 -6.98 0.16
C LEU B 56 18.95 -6.33 -0.67
N THR B 57 19.14 -5.02 -0.54
CA THR B 57 20.17 -4.33 -1.33
C THR B 57 21.56 -4.68 -0.83
N GLY B 58 21.75 -4.71 0.49
CA GLY B 58 23.02 -5.15 1.02
C GLY B 58 23.27 -6.62 0.80
N GLY B 59 22.20 -7.42 0.80
CA GLY B 59 22.35 -8.84 0.60
C GLY B 59 22.65 -9.22 -0.84
N MET B 60 22.07 -8.50 -1.79
CA MET B 60 22.38 -8.73 -3.20
C MET B 60 23.76 -8.25 -3.58
N ALA B 61 24.30 -7.26 -2.88
CA ALA B 61 25.62 -6.74 -3.21
C ALA B 61 26.74 -7.64 -2.72
N ILE B 62 26.45 -8.60 -1.85
CA ILE B 62 27.48 -9.52 -1.39
C ILE B 62 27.62 -10.72 -2.31
N ARG B 63 26.54 -11.13 -2.99
CA ARG B 63 26.65 -12.19 -3.99
C ARG B 63 27.54 -11.77 -5.16
N ASN B 64 27.14 -10.72 -5.86
CA ASN B 64 27.85 -10.34 -7.09
C ASN B 64 29.00 -9.37 -6.83
N SER B 65 29.85 -9.71 -5.88
CA SER B 65 31.04 -8.92 -5.57
C SER B 65 32.03 -9.83 -4.86
N ASN B 66 33.31 -9.56 -5.09
CA ASN B 66 34.36 -10.33 -4.46
C ASN B 66 34.54 -9.92 -3.00
N LEU B 67 34.89 -10.90 -2.17
CA LEU B 67 35.14 -10.67 -0.76
C LEU B 67 36.61 -10.40 -0.47
N THR B 68 37.31 -9.80 -1.43
CA THR B 68 38.62 -9.24 -1.20
C THR B 68 38.56 -7.75 -0.94
N GLU B 69 37.81 -7.03 -1.77
CA GLU B 69 37.75 -5.58 -1.74
C GLU B 69 36.86 -5.03 -0.63
N MET B 70 36.03 -5.87 -0.01
CA MET B 70 35.09 -5.43 1.01
C MET B 70 35.55 -5.83 2.41
N LEU B 71 36.85 -5.80 2.66
CA LEU B 71 37.38 -5.99 4.01
C LEU B 71 37.80 -4.69 4.67
N LEU B 72 38.59 -3.89 3.99
CA LEU B 72 38.96 -2.57 4.50
C LEU B 72 37.79 -1.59 4.64
N PRO B 73 36.78 -1.53 3.75
CA PRO B 73 35.63 -0.66 4.06
C PRO B 73 34.75 -1.15 5.19
N VAL B 74 34.73 -2.43 5.52
CA VAL B 74 33.90 -2.89 6.63
C VAL B 74 34.69 -3.01 7.93
N ALA B 75 36.02 -3.07 7.87
CA ALA B 75 36.80 -2.94 9.09
C ALA B 75 37.03 -1.49 9.45
N PHE B 76 36.84 -0.58 8.50
CA PHE B 76 36.78 0.84 8.79
C PHE B 76 35.35 1.31 9.00
N SER B 77 34.42 0.40 9.21
CA SER B 77 33.03 0.72 9.52
C SER B 77 32.60 0.15 10.85
N VAL B 78 33.03 -1.07 11.18
CA VAL B 78 32.81 -1.62 12.50
C VAL B 78 33.57 -0.81 13.54
N ILE B 79 34.85 -0.53 13.27
CA ILE B 79 35.66 0.32 14.14
C ILE B 79 35.08 1.73 14.18
N LEU B 80 34.57 2.21 13.06
CA LEU B 80 33.92 3.51 13.02
C LEU B 80 32.55 3.48 13.69
N GLY B 81 31.96 2.31 13.86
CA GLY B 81 30.70 2.22 14.58
C GLY B 81 30.87 2.19 16.08
N ILE B 82 31.89 1.47 16.56
CA ILE B 82 32.10 1.34 17.99
C ILE B 82 32.71 2.61 18.56
N LEU B 83 33.45 3.36 17.74
CA LEU B 83 34.17 4.54 18.24
C LEU B 83 33.23 5.68 18.62
N ILE B 84 32.08 5.78 17.94
CA ILE B 84 31.19 6.93 18.11
C ILE B 84 30.58 6.95 19.50
N VAL B 85 30.21 5.78 20.03
CA VAL B 85 29.57 5.75 21.35
C VAL B 85 30.60 6.00 22.46
N PHE B 86 31.86 5.62 22.24
CA PHE B 86 32.87 5.89 23.26
C PHE B 86 33.31 7.34 23.26
N ILE B 87 33.31 8.01 22.11
CA ILE B 87 33.58 9.45 22.07
C ILE B 87 32.51 10.20 22.84
N ALA B 88 31.25 9.84 22.61
CA ALA B 88 30.14 10.47 23.33
C ALA B 88 30.13 10.10 24.81
N ARG B 89 30.75 8.98 25.16
CA ARG B 89 30.92 8.64 26.58
C ARG B 89 32.01 9.51 27.22
N PHE B 90 32.87 10.14 26.41
CA PHE B 90 33.87 11.07 26.93
C PHE B 90 33.59 12.52 26.59
N THR B 91 32.87 12.79 25.49
CA THR B 91 32.59 14.17 25.12
C THR B 91 31.39 14.71 25.89
N LEU B 92 30.24 14.05 25.76
CA LEU B 92 29.01 14.62 26.28
C LEU B 92 28.85 14.38 27.78
N ALA B 93 29.63 13.45 28.35
CA ALA B 93 29.42 13.06 29.74
C ALA B 93 29.96 14.09 30.71
N LYS B 94 31.25 14.46 30.58
CA LYS B 94 31.92 15.30 31.57
C LYS B 94 31.43 16.75 31.41
N LEU B 95 30.20 16.98 31.87
CA LEU B 95 29.42 18.20 31.66
C LEU B 95 28.65 18.60 32.93
N PRO B 96 27.95 19.75 32.95
CA PRO B 96 26.99 20.01 34.03
C PRO B 96 25.77 19.11 34.04
N ASN B 97 24.79 19.48 34.88
CA ASN B 97 23.80 18.63 35.55
C ASN B 97 23.06 17.58 34.72
N VAL B 98 23.09 17.67 33.40
CA VAL B 98 22.33 16.73 32.56
C VAL B 98 23.12 15.49 32.21
N ARG B 99 24.19 15.20 32.95
CA ARG B 99 25.08 14.08 32.66
C ARG B 99 24.56 12.74 33.19
N THR B 100 23.27 12.48 32.99
CA THR B 100 22.71 11.17 33.27
C THR B 100 23.17 10.24 32.16
N VAL B 101 24.10 9.35 32.51
CA VAL B 101 24.91 8.63 31.52
C VAL B 101 24.05 7.68 30.69
N ASP B 102 23.05 7.06 31.32
CA ASP B 102 22.13 6.20 30.60
C ASP B 102 21.21 6.97 29.66
N ALA B 103 21.00 8.26 29.89
CA ALA B 103 20.37 9.12 28.92
C ALA B 103 21.38 9.87 28.08
N LEU B 104 22.62 9.41 28.08
CA LEU B 104 23.69 10.07 27.35
C LEU B 104 24.44 9.12 26.44
N ALA B 105 24.66 7.88 26.87
CA ALA B 105 25.17 6.89 25.93
C ALA B 105 24.14 6.55 24.86
N THR B 106 22.85 6.65 25.16
CA THR B 106 21.83 6.48 24.13
C THR B 106 21.71 7.69 23.25
N GLY B 107 22.04 8.89 23.76
CA GLY B 107 22.19 10.05 22.91
C GLY B 107 23.28 9.90 21.89
N GLY B 108 24.27 9.05 22.16
CA GLY B 108 25.17 8.56 21.14
C GLY B 108 24.64 7.30 20.49
N LEU B 109 23.47 7.38 19.86
CA LEU B 109 22.95 6.31 19.02
C LEU B 109 23.39 6.43 17.58
N PHE B 110 24.42 7.23 17.30
CA PHE B 110 24.64 7.74 15.95
C PHE B 110 25.26 6.62 15.11
N GLY B 111 24.40 5.74 14.65
CA GLY B 111 24.78 4.67 13.74
C GLY B 111 24.55 5.06 12.31
N ALA B 112 23.63 4.39 11.62
CA ALA B 112 23.33 4.70 10.23
C ALA B 112 21.83 4.88 10.09
N VAL B 113 21.41 5.52 9.00
CA VAL B 113 20.00 5.83 8.79
C VAL B 113 19.51 5.23 7.48
N SER B 114 18.19 5.22 7.37
CA SER B 114 17.46 4.95 6.15
C SER B 114 17.04 6.22 5.45
N GLY B 115 16.65 7.22 6.24
CA GLY B 115 15.98 8.39 5.68
C GLY B 115 16.92 9.27 4.87
N SER B 116 18.16 9.35 5.30
CA SER B 116 19.19 9.92 4.46
C SER B 116 20.21 8.85 4.12
N THR B 117 21.19 9.23 3.32
CA THR B 117 22.43 8.51 3.00
C THR B 117 22.23 7.21 2.23
N MET B 118 21.00 6.77 2.10
CA MET B 118 20.59 5.72 1.18
C MET B 118 19.66 6.25 0.12
N ALA B 119 18.91 7.29 0.44
CA ALA B 119 18.08 7.99 -0.51
C ALA B 119 18.43 9.46 -0.64
N ALA B 120 19.23 10.01 0.26
CA ALA B 120 19.66 11.39 0.13
C ALA B 120 21.04 11.51 -0.50
N ALA B 121 22.01 10.73 -0.02
CA ALA B 121 23.32 10.79 -0.63
C ALA B 121 23.34 10.10 -1.98
N LEU B 122 22.79 8.89 -2.07
CA LEU B 122 22.86 8.10 -3.29
C LEU B 122 22.09 8.72 -4.45
N THR B 123 21.08 9.54 -4.17
CA THR B 123 20.37 10.19 -5.25
C THR B 123 20.94 11.55 -5.59
N THR B 124 21.85 12.09 -4.78
CA THR B 124 22.64 13.23 -5.21
C THR B 124 24.08 12.85 -5.53
N LEU B 125 24.48 11.60 -5.26
CA LEU B 125 25.82 11.16 -5.63
C LEU B 125 25.92 11.02 -7.13
N GLU B 126 25.08 10.15 -7.70
CA GLU B 126 25.04 9.93 -9.13
C GLU B 126 24.11 10.89 -9.86
N GLU B 127 23.66 11.95 -9.19
CA GLU B 127 22.91 12.96 -9.89
C GLU B 127 23.81 13.82 -10.75
N SER B 128 24.99 14.20 -10.27
CA SER B 128 25.83 15.14 -11.00
C SER B 128 26.84 14.44 -11.87
N LYS B 129 27.93 13.92 -11.31
CA LYS B 129 28.94 13.25 -12.12
C LYS B 129 29.45 11.96 -11.50
N ILE B 130 29.67 11.97 -10.20
CA ILE B 130 30.60 11.02 -9.61
C ILE B 130 29.92 9.68 -9.39
N SER B 131 30.68 8.62 -9.56
CA SER B 131 30.20 7.25 -9.47
C SER B 131 30.71 6.59 -8.20
N TYR B 132 30.02 5.54 -7.78
CA TYR B 132 30.35 4.83 -6.56
C TYR B 132 30.28 3.34 -6.86
N GLU B 133 30.50 2.53 -5.83
CA GLU B 133 30.61 1.09 -6.02
C GLU B 133 29.24 0.42 -6.08
N ALA B 134 29.19 -0.89 -5.94
CA ALA B 134 27.90 -1.56 -5.86
C ALA B 134 27.42 -1.74 -4.44
N TRP B 135 28.32 -1.75 -3.47
CA TRP B 135 27.95 -2.03 -2.08
C TRP B 135 27.80 -0.73 -1.29
N ALA B 136 26.83 0.07 -1.71
CA ALA B 136 26.46 1.23 -0.92
C ALA B 136 25.66 0.82 0.32
N GLY B 137 24.53 0.16 0.11
CA GLY B 137 23.69 -0.31 1.19
C GLY B 137 24.22 -1.49 1.96
N ALA B 138 25.32 -2.12 1.50
CA ALA B 138 25.94 -3.19 2.26
C ALA B 138 26.76 -2.67 3.43
N LEU B 139 26.98 -1.37 3.50
CA LEU B 139 27.55 -0.75 4.69
C LEU B 139 26.48 -0.25 5.64
N TYR B 140 25.23 -0.61 5.41
CA TYR B 140 24.20 -0.30 6.40
C TYR B 140 24.13 -1.29 7.56
N PRO B 141 24.14 -2.64 7.39
CA PRO B 141 24.04 -3.49 8.59
C PRO B 141 25.24 -3.37 9.50
N PHE B 142 26.43 -3.33 8.91
CA PHE B 142 27.62 -2.91 9.64
C PHE B 142 27.47 -1.43 9.97
N MET B 143 28.02 -1.04 11.12
CA MET B 143 27.90 0.28 11.76
C MET B 143 26.47 0.57 12.22
N ASP B 144 25.57 -0.39 12.15
CA ASP B 144 24.25 -0.26 12.78
C ASP B 144 24.04 -1.36 13.81
N ILE B 145 24.35 -2.60 13.47
CA ILE B 145 24.36 -3.67 14.46
C ILE B 145 25.42 -3.45 15.55
N PRO B 146 26.71 -3.17 15.24
CA PRO B 146 27.65 -2.97 16.35
C PRO B 146 27.51 -1.63 17.04
N ALA B 147 26.93 -0.63 16.39
CA ALA B 147 26.84 0.68 17.02
C ALA B 147 25.70 0.80 18.02
N LEU B 148 24.75 -0.13 18.03
CA LEU B 148 23.68 -0.08 19.01
C LEU B 148 23.91 -1.01 20.18
N VAL B 149 24.58 -2.14 19.97
CA VAL B 149 24.86 -3.04 21.08
C VAL B 149 25.87 -2.43 22.04
N THR B 150 26.84 -1.67 21.52
CA THR B 150 27.79 -0.99 22.38
C THR B 150 27.18 0.19 23.10
N ALA B 151 26.03 0.70 22.63
CA ALA B 151 25.27 1.61 23.46
C ALA B 151 24.62 0.87 24.61
N ILE B 152 24.20 -0.37 24.38
CA ILE B 152 23.48 -1.11 25.40
C ILE B 152 24.44 -1.68 26.43
N VAL B 153 25.51 -2.33 25.97
CA VAL B 153 26.42 -3.06 26.86
C VAL B 153 27.16 -2.11 27.78
N VAL B 154 27.60 -0.96 27.26
CA VAL B 154 28.28 0.03 28.09
C VAL B 154 27.34 0.63 29.12
N ALA B 155 26.14 1.02 28.71
CA ALA B 155 25.21 1.61 29.64
C ALA B 155 24.51 0.59 30.53
N ASN B 156 24.71 -0.70 30.28
CA ASN B 156 24.20 -1.71 31.21
C ASN B 156 25.28 -2.11 32.21
N ILE B 157 26.54 -2.19 31.77
CA ILE B 157 27.60 -2.57 32.69
C ILE B 157 27.97 -1.39 33.59
N TYR B 158 27.68 -0.16 33.17
CA TYR B 158 27.92 0.99 34.03
C TYR B 158 26.90 1.06 35.16
N LEU B 159 25.68 0.56 34.92
CA LEU B 159 24.66 0.60 35.95
C LEU B 159 24.90 -0.46 37.01
N ASN B 160 25.42 -1.63 36.63
CA ASN B 160 25.59 -2.70 37.59
C ASN B 160 26.75 -2.44 38.55
N LYS B 161 27.79 -1.77 38.09
CA LYS B 161 28.93 -1.44 38.93
C LYS B 161 28.71 -0.19 39.78
N ARG B 162 27.53 0.41 39.70
CA ARG B 162 27.24 1.61 40.48
C ARG B 162 26.00 1.49 41.37
N LYS B 163 24.92 0.87 40.91
CA LYS B 163 23.71 0.74 41.72
C LYS B 163 23.57 -0.63 42.35
N ARG B 164 23.82 -1.70 41.60
CA ARG B 164 23.75 -3.06 42.13
C ARG B 164 25.00 -3.40 42.95
N LYS B 165 26.18 -3.21 42.36
CA LYS B 165 27.44 -3.34 43.10
C LYS B 165 27.91 -1.94 43.47
N SER B 166 27.25 -1.37 44.47
CA SER B 166 27.59 -0.04 44.95
C SER B 166 28.76 -0.07 45.92
N TRP B 212 26.15 -12.50 25.22
CA TRP B 212 25.02 -12.92 24.39
C TRP B 212 23.58 -12.56 24.84
N PRO B 213 23.18 -12.70 26.11
CA PRO B 213 21.79 -12.34 26.44
C PRO B 213 21.54 -10.84 26.47
N ILE B 214 22.57 -10.02 26.31
CA ILE B 214 22.39 -8.59 26.22
C ILE B 214 22.07 -8.18 24.78
N ILE B 215 22.81 -8.72 23.82
CA ILE B 215 22.56 -8.47 22.42
C ILE B 215 21.33 -9.23 21.91
N GLU B 216 20.91 -10.27 22.62
CA GLU B 216 19.84 -11.13 22.12
C GLU B 216 18.48 -10.44 22.16
N GLU B 217 18.19 -9.65 23.19
CA GLU B 217 16.88 -9.02 23.21
C GLU B 217 16.80 -7.86 22.22
N SER B 218 17.93 -7.26 21.88
CA SER B 218 17.92 -6.16 20.92
C SER B 218 17.75 -6.67 19.50
N LEU B 219 18.56 -7.65 19.09
CA LEU B 219 18.54 -8.16 17.74
C LEU B 219 17.29 -8.97 17.44
N GLN B 220 16.63 -9.49 18.47
CA GLN B 220 15.39 -10.23 18.32
C GLN B 220 14.27 -9.26 18.67
N GLY B 221 13.85 -8.52 17.66
CA GLY B 221 12.84 -7.50 17.83
C GLY B 221 12.40 -6.96 16.49
N PRO B 222 11.34 -6.17 16.47
CA PRO B 222 10.87 -5.62 15.20
C PRO B 222 11.80 -4.52 14.76
N ALA B 223 11.82 -4.27 13.45
CA ALA B 223 12.68 -3.29 12.78
C ALA B 223 14.17 -3.58 12.93
N LEU B 224 14.53 -4.77 13.40
CA LEU B 224 15.91 -5.20 13.28
C LEU B 224 16.02 -6.64 12.83
N SER B 225 15.02 -7.47 13.09
CA SER B 225 14.88 -8.75 12.41
C SER B 225 14.19 -8.60 11.07
N ALA B 226 13.60 -7.44 10.80
CA ALA B 226 13.09 -7.12 9.47
C ALA B 226 14.20 -6.76 8.51
N MET B 227 15.40 -6.49 9.01
CA MET B 227 16.57 -6.24 8.19
C MET B 227 17.40 -7.49 7.97
N LEU B 228 17.54 -8.33 9.00
CA LEU B 228 18.27 -9.58 8.83
C LEU B 228 17.49 -10.57 7.98
N LEU B 229 16.17 -10.42 7.91
CA LEU B 229 15.40 -11.17 6.92
C LEU B 229 15.74 -10.70 5.52
N GLY B 230 16.14 -9.44 5.36
CA GLY B 230 16.55 -8.96 4.06
C GLY B 230 17.91 -9.48 3.64
N LEU B 231 18.83 -9.65 4.58
CA LEU B 231 20.17 -10.10 4.23
C LEU B 231 20.19 -11.59 3.90
N ALA B 232 19.51 -12.41 4.70
CA ALA B 232 19.51 -13.84 4.48
C ALA B 232 18.80 -14.21 3.19
N LEU B 233 17.82 -13.42 2.79
CA LEU B 233 17.16 -13.58 1.52
C LEU B 233 17.85 -12.78 0.42
N GLY B 234 18.95 -12.13 0.72
CA GLY B 234 19.72 -11.46 -0.31
C GLY B 234 20.98 -12.23 -0.62
N ILE B 235 21.53 -12.90 0.39
CA ILE B 235 22.73 -13.69 0.18
C ILE B 235 22.39 -15.05 -0.43
N PHE B 236 21.36 -15.70 0.09
CA PHE B 236 21.14 -17.10 -0.26
C PHE B 236 20.20 -17.28 -1.45
N THR B 237 19.14 -16.51 -1.53
CA THR B 237 18.14 -16.71 -2.57
C THR B 237 18.30 -15.65 -3.66
N LYS B 238 17.39 -15.69 -4.64
CA LYS B 238 17.46 -14.81 -5.81
C LYS B 238 16.13 -14.07 -5.91
N PRO B 239 15.93 -12.99 -5.13
CA PRO B 239 14.68 -12.23 -5.19
C PRO B 239 14.75 -11.07 -6.17
N GLU B 240 15.18 -11.34 -7.40
CA GLU B 240 15.33 -10.24 -8.34
C GLU B 240 14.02 -9.86 -9.01
N SER B 241 12.94 -10.59 -8.76
CA SER B 241 11.65 -10.26 -9.35
C SER B 241 10.68 -9.63 -8.38
N VAL B 242 10.96 -9.68 -7.08
CA VAL B 242 10.13 -9.06 -6.08
C VAL B 242 10.76 -7.81 -5.50
N TYR B 243 12.09 -7.76 -5.39
CA TYR B 243 12.80 -6.52 -5.06
C TYR B 243 12.53 -5.44 -6.09
N GLU B 244 12.95 -5.68 -7.32
CA GLU B 244 12.74 -4.71 -8.38
C GLU B 244 11.34 -4.95 -8.91
N GLY B 245 10.40 -4.17 -8.43
CA GLY B 245 9.00 -4.33 -8.78
C GLY B 245 8.07 -4.08 -7.62
N PHE B 246 8.48 -4.42 -6.41
CA PHE B 246 7.64 -4.01 -5.29
C PHE B 246 8.39 -3.34 -4.16
N TYR B 247 9.59 -3.80 -3.82
CA TYR B 247 10.30 -3.19 -2.69
C TYR B 247 11.10 -1.99 -3.11
N ASP B 248 11.61 -1.98 -4.33
CA ASP B 248 12.43 -0.89 -4.86
C ASP B 248 11.66 0.30 -5.46
N PRO B 249 10.60 0.15 -6.26
CA PRO B 249 9.96 1.37 -6.80
C PRO B 249 9.22 2.19 -5.77
N LEU B 250 8.47 1.56 -4.88
CA LEU B 250 7.83 2.32 -3.81
C LEU B 250 8.66 2.29 -2.53
N PHE B 251 9.94 2.59 -2.64
CA PHE B 251 10.78 2.87 -1.48
C PHE B 251 10.94 4.35 -1.24
N ARG B 252 11.19 5.12 -2.30
CA ARG B 252 11.37 6.55 -2.17
C ARG B 252 10.06 7.23 -1.80
N GLY B 253 8.95 6.67 -2.23
CA GLY B 253 7.66 7.24 -1.89
C GLY B 253 7.25 6.98 -0.46
N LEU B 254 7.45 5.75 0.02
CA LEU B 254 7.08 5.41 1.39
C LEU B 254 7.97 6.05 2.41
N LEU B 255 9.16 6.49 2.03
CA LEU B 255 9.99 7.25 2.93
C LEU B 255 9.43 8.64 3.19
N SER B 256 8.67 9.18 2.24
CA SER B 256 8.07 10.49 2.44
C SER B 256 6.85 10.46 3.34
N ILE B 257 6.18 9.31 3.47
CA ILE B 257 5.14 9.19 4.49
C ILE B 257 5.78 9.10 5.86
N LEU B 258 6.89 8.37 5.97
CA LEU B 258 7.55 8.16 7.24
C LEU B 258 8.36 9.37 7.67
N MET B 259 8.76 10.24 6.74
CA MET B 259 9.24 11.55 7.12
C MET B 259 8.15 12.60 7.21
N LEU B 260 6.90 12.18 7.25
CA LEU B 260 5.83 13.10 7.61
C LEU B 260 5.38 12.85 9.03
N ILE B 261 5.35 11.57 9.43
CA ILE B 261 5.15 11.22 10.84
C ILE B 261 6.26 11.79 11.69
N MET B 262 7.50 11.61 11.23
CA MET B 262 8.67 12.03 11.98
C MET B 262 8.80 13.54 12.01
N GLY B 263 8.12 14.25 11.12
CA GLY B 263 8.16 15.69 11.11
C GLY B 263 7.18 16.35 12.05
N MET B 264 5.96 15.83 12.12
CA MET B 264 4.94 16.46 12.95
C MET B 264 4.82 15.84 14.32
N GLU B 265 5.58 14.77 14.60
CA GLU B 265 5.82 14.33 15.97
C GLU B 265 7.10 14.93 16.51
N ALA B 266 7.71 15.86 15.78
CA ALA B 266 8.91 16.53 16.22
C ALA B 266 8.66 17.97 16.65
N TRP B 267 7.43 18.46 16.51
CA TRP B 267 7.17 19.83 16.92
C TRP B 267 7.09 19.94 18.44
N SER B 268 6.34 19.03 19.06
CA SER B 268 6.22 19.08 20.53
C SER B 268 7.50 18.57 21.18
N ARG B 269 8.15 17.59 20.55
CA ARG B 269 9.30 16.94 21.16
C ARG B 269 10.53 17.83 21.18
N ILE B 270 10.63 18.79 20.26
CA ILE B 270 11.71 19.77 20.36
C ILE B 270 11.37 20.86 21.36
N GLY B 271 10.09 21.04 21.67
CA GLY B 271 9.70 22.00 22.70
C GLY B 271 9.84 21.39 24.07
N GLU B 272 9.62 20.07 24.16
CA GLU B 272 9.84 19.37 25.41
C GLU B 272 11.32 19.24 25.72
N LEU B 273 12.18 19.34 24.71
CA LEU B 273 13.62 19.27 24.91
C LEU B 273 14.17 20.49 25.66
N ARG B 274 13.43 21.60 25.70
CA ARG B 274 13.81 22.74 26.51
C ARG B 274 13.81 22.45 28.00
N LYS B 275 12.99 21.52 28.45
CA LYS B 275 13.00 21.03 29.82
C LYS B 275 14.28 20.29 30.17
N VAL B 276 14.87 19.58 29.23
CA VAL B 276 15.97 18.67 29.52
C VAL B 276 17.27 19.42 29.75
N ALA B 277 17.74 20.14 28.74
CA ALA B 277 19.10 20.65 28.79
C ALA B 277 19.26 21.87 27.91
N GLN B 278 20.49 22.36 27.88
CA GLN B 278 20.98 23.29 26.89
C GLN B 278 22.20 22.73 26.16
N TRP B 279 22.56 21.48 26.45
CA TRP B 279 23.77 20.88 25.92
C TRP B 279 23.51 19.79 24.90
N TYR B 280 22.31 19.18 24.91
CA TYR B 280 21.99 18.25 23.83
C TYR B 280 21.74 18.96 22.52
N VAL B 281 21.43 20.25 22.54
CA VAL B 281 21.33 21.01 21.31
C VAL B 281 22.71 21.19 20.68
N VAL B 282 23.71 21.54 21.50
CA VAL B 282 25.04 21.84 20.99
C VAL B 282 25.71 20.59 20.46
N TYR B 283 25.48 19.45 21.11
CA TYR B 283 25.97 18.18 20.58
C TYR B 283 25.25 17.79 19.30
N SER B 284 24.02 18.26 19.11
CA SER B 284 23.27 17.90 17.91
C SER B 284 23.69 18.72 16.69
N LEU B 285 24.15 19.96 16.88
CA LEU B 285 24.55 20.77 15.73
C LEU B 285 25.98 20.51 15.28
N ILE B 286 26.80 19.88 16.11
CA ILE B 286 28.23 19.80 15.86
C ILE B 286 28.68 18.37 15.57
N ALA B 287 28.17 17.40 16.31
CA ALA B 287 28.61 16.02 16.12
C ALA B 287 28.27 15.39 14.77
N PRO B 288 27.19 15.75 14.05
CA PRO B 288 27.13 15.32 12.64
C PRO B 288 28.14 15.99 11.73
N ILE B 289 28.86 17.02 12.18
CA ILE B 289 29.95 17.54 11.37
C ILE B 289 31.25 16.84 11.74
N VAL B 290 31.52 16.68 13.04
CA VAL B 290 32.82 16.17 13.46
C VAL B 290 32.91 14.66 13.30
N HIS B 291 31.78 13.95 13.18
CA HIS B 291 31.84 12.52 12.87
C HIS B 291 32.10 12.24 11.41
N GLY B 292 31.98 13.25 10.55
CA GLY B 292 32.28 13.07 9.15
C GLY B 292 33.76 13.16 8.86
N PHE B 293 34.43 14.15 9.45
CA PHE B 293 35.83 14.38 9.13
C PHE B 293 36.73 13.32 9.76
N ILE B 294 36.34 12.74 10.89
CA ILE B 294 37.08 11.61 11.41
C ILE B 294 36.76 10.34 10.65
N ALA B 295 35.77 10.37 9.77
CA ALA B 295 35.46 9.27 8.87
C ALA B 295 35.96 9.53 7.47
N PHE B 296 36.07 10.80 7.08
CA PHE B 296 36.53 11.13 5.75
C PHE B 296 38.02 10.91 5.60
N GLY B 297 38.79 11.27 6.64
CA GLY B 297 40.21 10.98 6.63
C GLY B 297 40.51 9.52 6.92
N LEU B 298 39.68 8.87 7.73
CA LEU B 298 39.85 7.44 7.99
C LEU B 298 39.36 6.63 6.79
N GLY B 299 38.47 7.20 5.99
CA GLY B 299 38.17 6.61 4.71
C GLY B 299 39.16 6.94 3.62
N MET B 300 40.14 7.81 3.91
CA MET B 300 41.13 8.19 2.92
C MET B 300 42.34 7.28 2.97
N ILE B 301 42.17 6.13 3.64
CA ILE B 301 43.23 5.09 3.73
C ILE B 301 42.87 3.94 2.80
N ALA B 302 41.62 3.92 2.31
CA ALA B 302 41.13 2.86 1.40
C ALA B 302 41.26 3.32 -0.06
N HIS B 303 41.30 4.64 -0.28
CA HIS B 303 41.44 5.19 -1.65
C HIS B 303 42.91 5.12 -2.07
N TYR B 304 43.82 5.03 -1.11
CA TYR B 304 45.29 4.95 -1.39
C TYR B 304 45.82 3.58 -0.96
N ALA B 305 44.98 2.54 -1.11
CA ALA B 305 45.38 1.16 -0.74
C ALA B 305 44.43 0.15 -1.41
N THR B 306 43.21 0.57 -1.70
CA THR B 306 42.20 -0.33 -2.34
C THR B 306 41.63 0.36 -3.59
N GLY B 307 40.30 0.51 -3.66
CA GLY B 307 39.65 1.15 -4.83
C GLY B 307 38.15 1.31 -4.62
N PHE B 308 37.70 1.32 -3.36
CA PHE B 308 36.26 1.50 -3.04
C PHE B 308 35.82 2.87 -3.58
N SER B 309 36.80 3.60 -4.13
CA SER B 309 37.04 4.88 -4.79
C SER B 309 36.67 6.09 -3.95
N LEU B 310 37.13 7.26 -4.39
CA LEU B 310 36.86 8.53 -3.72
C LEU B 310 35.38 8.86 -3.77
N GLY B 311 34.69 8.35 -4.80
CA GLY B 311 33.24 8.50 -4.84
C GLY B 311 32.52 7.56 -3.89
N GLY B 312 33.25 6.62 -3.29
CA GLY B 312 32.68 5.73 -2.31
C GLY B 312 32.95 6.17 -0.89
N VAL B 313 34.03 6.91 -0.70
CA VAL B 313 34.44 7.45 0.60
C VAL B 313 33.38 8.40 1.10
N VAL B 314 32.82 9.21 0.20
CA VAL B 314 31.73 10.10 0.55
C VAL B 314 30.47 9.32 0.89
N VAL B 315 30.31 8.11 0.34
CA VAL B 315 29.21 7.24 0.75
C VAL B 315 29.68 6.32 1.87
N LEU B 316 30.76 6.69 2.55
CA LEU B 316 31.09 6.13 3.85
C LEU B 316 31.11 7.20 4.93
N ALA B 317 31.37 8.45 4.55
CA ALA B 317 31.50 9.52 5.53
C ALA B 317 30.18 10.20 5.84
N VAL B 318 29.21 10.14 4.94
CA VAL B 318 27.89 10.68 5.29
C VAL B 318 27.08 9.64 6.05
N ILE B 319 27.45 8.35 5.96
CA ILE B 319 26.74 7.31 6.68
C ILE B 319 27.03 7.42 8.18
N ALA B 320 28.22 7.88 8.53
CA ALA B 320 28.68 7.91 9.91
C ALA B 320 28.31 9.19 10.64
N ALA B 321 27.48 10.03 10.03
CA ALA B 321 27.10 11.31 10.59
C ALA B 321 25.59 11.47 10.50
N SER B 322 24.86 10.45 10.97
CA SER B 322 23.52 10.23 10.46
C SER B 322 22.40 10.18 11.50
N SER B 323 22.65 9.65 12.71
CA SER B 323 21.70 9.62 13.82
C SER B 323 20.42 8.85 13.55
N SER B 324 20.48 7.51 13.65
CA SER B 324 19.42 6.56 13.30
C SER B 324 18.02 6.95 13.79
N ASP B 325 17.02 6.56 13.01
CA ASP B 325 15.64 7.01 13.19
C ASP B 325 14.65 5.85 13.28
N ILE B 326 14.95 4.76 12.59
CA ILE B 326 14.02 3.66 12.42
C ILE B 326 14.47 2.42 13.17
N SER B 327 15.73 2.02 13.01
CA SER B 327 16.29 0.95 13.81
C SER B 327 16.64 1.41 15.21
N GLY B 328 16.71 2.71 15.44
CA GLY B 328 17.15 3.25 16.70
C GLY B 328 16.17 3.06 17.84
N PRO B 329 15.05 3.77 17.84
CA PRO B 329 14.19 3.84 19.04
C PRO B 329 13.37 2.59 19.32
N PRO B 330 13.08 1.69 18.36
CA PRO B 330 12.62 0.36 18.80
C PRO B 330 13.64 -0.43 19.60
N THR B 331 14.92 -0.32 19.26
CA THR B 331 15.95 -0.76 20.19
C THR B 331 16.21 0.38 21.18
N LEU B 332 17.19 0.19 22.08
CA LEU B 332 17.60 1.20 23.07
C LEU B 332 16.51 1.70 24.01
N ARG B 333 15.35 1.07 23.96
CA ARG B 333 14.19 1.30 24.80
C ARG B 333 13.77 0.04 25.53
N ALA B 334 13.74 -1.08 24.82
CA ALA B 334 13.62 -2.39 25.46
C ALA B 334 14.96 -2.89 25.97
N GLY B 335 16.05 -2.42 25.39
CA GLY B 335 17.37 -2.76 25.88
C GLY B 335 17.76 -1.91 27.06
N ILE B 336 17.59 -0.59 26.93
CA ILE B 336 17.86 0.31 28.04
C ILE B 336 16.54 0.95 28.45
N PRO B 337 15.90 0.47 29.52
CA PRO B 337 14.62 1.05 29.92
C PRO B 337 14.76 2.42 30.57
N SER B 338 15.75 2.60 31.46
CA SER B 338 15.95 3.88 32.13
C SER B 338 16.59 4.83 31.11
N ALA B 339 15.74 5.48 30.33
CA ALA B 339 16.17 6.03 29.06
C ALA B 339 15.97 7.53 28.92
N ASN B 340 14.90 8.07 29.55
CA ASN B 340 14.38 9.42 29.34
C ASN B 340 14.14 9.65 27.86
N PRO B 341 13.10 9.04 27.25
CA PRO B 341 13.02 8.92 25.79
C PRO B 341 12.66 10.21 25.05
N SER B 342 13.40 11.27 25.34
CA SER B 342 13.31 12.49 24.54
C SER B 342 14.71 13.02 24.29
N ALA B 343 15.66 12.62 25.14
CA ALA B 343 17.03 13.10 25.00
C ALA B 343 17.71 12.47 23.79
N TYR B 344 17.42 11.20 23.51
CA TYR B 344 18.06 10.54 22.38
C TYR B 344 17.21 10.50 21.14
N ILE B 345 15.92 10.79 21.22
CA ILE B 345 15.06 10.86 20.04
C ILE B 345 14.93 12.30 19.56
N GLY B 346 14.73 13.23 20.48
CA GLY B 346 14.66 14.63 20.12
C GLY B 346 15.97 15.21 19.62
N SER B 347 17.09 14.53 19.85
CA SER B 347 18.37 14.97 19.34
C SER B 347 18.75 14.29 18.03
N SER B 348 17.96 13.33 17.59
CA SER B 348 18.28 12.58 16.38
C SER B 348 17.29 12.80 15.25
N THR B 349 16.01 12.92 15.54
CA THR B 349 15.00 13.12 14.52
C THR B 349 14.57 14.55 14.38
N ALA B 350 14.94 15.42 15.32
CA ALA B 350 14.54 16.81 15.25
C ALA B 350 15.68 17.74 14.88
N ILE B 351 16.88 17.52 15.43
CA ILE B 351 17.98 18.41 15.13
C ILE B 351 19.05 17.60 14.40
N GLY B 352 19.12 16.31 14.68
CA GLY B 352 20.16 15.45 14.13
C GLY B 352 20.13 15.26 12.62
N THR B 353 19.08 14.66 12.11
CA THR B 353 18.94 14.49 10.66
C THR B 353 18.66 15.74 9.82
N PRO B 354 18.02 16.82 10.29
CA PRO B 354 17.99 18.02 9.44
C PRO B 354 19.34 18.68 9.25
N ILE B 355 20.26 18.54 10.20
CA ILE B 355 21.64 18.96 9.94
C ILE B 355 22.39 17.88 9.16
N ALA B 356 22.04 16.62 9.36
CA ALA B 356 22.70 15.54 8.63
C ALA B 356 22.32 15.49 7.15
N ILE B 357 21.32 16.24 6.71
CA ILE B 357 20.99 16.35 5.30
C ILE B 357 21.22 17.80 4.92
N GLY B 358 21.22 18.67 5.93
CA GLY B 358 21.40 20.07 5.66
C GLY B 358 22.80 20.45 5.24
N VAL B 359 23.76 20.37 6.15
CA VAL B 359 25.04 21.02 5.94
C VAL B 359 26.20 20.04 5.87
N CYS B 360 25.94 18.75 5.66
CA CYS B 360 27.05 17.81 5.54
C CYS B 360 26.99 16.88 4.33
N ILE B 361 25.83 16.66 3.73
CA ILE B 361 25.87 16.01 2.42
C ILE B 361 26.25 17.01 1.31
N PRO B 362 25.82 18.27 1.23
CA PRO B 362 26.43 19.15 0.22
C PRO B 362 27.85 19.56 0.57
N LEU B 363 28.27 19.40 1.83
CA LEU B 363 29.66 19.64 2.20
C LEU B 363 30.58 18.59 1.58
N PHE B 364 30.37 17.32 1.91
CA PHE B 364 31.30 16.28 1.47
C PHE B 364 31.16 15.92 0.00
N ILE B 365 30.13 16.40 -0.70
CA ILE B 365 30.18 16.36 -2.15
C ILE B 365 31.18 17.39 -2.66
N GLY B 366 31.19 18.57 -2.05
CA GLY B 366 32.16 19.60 -2.43
C GLY B 366 33.57 19.25 -2.03
N LEU B 367 33.75 18.53 -0.93
CA LEU B 367 35.06 17.99 -0.60
C LEU B 367 35.49 16.94 -1.62
N ALA B 368 34.55 16.13 -2.10
CA ALA B 368 34.88 15.12 -3.09
C ALA B 368 35.14 15.76 -4.44
N GLN B 369 34.45 16.85 -4.76
CA GLN B 369 34.72 17.55 -6.01
C GLN B 369 35.99 18.39 -5.95
N THR B 370 36.54 18.62 -4.75
CA THR B 370 37.80 19.35 -4.66
C THR B 370 38.96 18.49 -5.15
N LEU B 371 38.93 17.20 -4.83
CA LEU B 371 40.01 16.31 -5.22
C LEU B 371 39.92 15.94 -6.69
N MET C 1 -20.11 17.11 -35.78
CA MET C 1 -21.50 17.46 -35.58
C MET C 1 -22.36 16.20 -35.71
N ASP C 2 -22.72 15.63 -34.57
CA ASP C 2 -23.33 14.31 -34.50
C ASP C 2 -24.32 14.25 -33.34
N PHE C 3 -25.47 13.61 -33.58
CA PHE C 3 -26.65 13.74 -32.73
C PHE C 3 -26.57 12.92 -31.45
N LEU C 4 -27.72 12.78 -30.78
CA LEU C 4 -27.88 12.00 -29.56
C LEU C 4 -27.62 10.51 -29.76
N SER C 5 -27.58 10.06 -31.01
CA SER C 5 -27.19 8.69 -31.32
C SER C 5 -25.77 8.40 -30.88
N ASN C 6 -24.91 9.43 -30.88
CA ASN C 6 -23.54 9.25 -30.41
C ASN C 6 -23.46 9.37 -28.89
N PHE C 7 -24.52 9.87 -28.25
CA PHE C 7 -24.55 10.02 -26.80
C PHE C 7 -24.74 8.68 -26.11
N LEU C 8 -25.72 7.90 -26.57
CA LEU C 8 -26.08 6.63 -25.94
C LEU C 8 -24.95 5.62 -26.02
N THR C 9 -24.21 5.61 -27.13
CA THR C 9 -23.08 4.69 -27.22
C THR C 9 -21.89 5.16 -26.40
N ASP C 10 -21.90 6.41 -25.94
CA ASP C 10 -20.85 6.84 -25.05
C ASP C 10 -21.20 6.46 -23.61
N PHE C 11 -22.47 6.64 -23.24
CA PHE C 11 -22.94 6.37 -21.88
C PHE C 11 -22.82 4.89 -21.51
N VAL C 12 -23.01 4.00 -22.48
CA VAL C 12 -22.83 2.58 -22.22
C VAL C 12 -21.35 2.28 -22.00
N GLY C 13 -20.48 2.89 -22.80
CA GLY C 13 -19.06 2.67 -22.67
C GLY C 13 -18.37 3.49 -21.61
N GLN C 14 -19.07 4.46 -21.02
CA GLN C 14 -18.49 5.25 -19.94
C GLN C 14 -18.96 4.80 -18.58
N LEU C 15 -20.12 4.13 -18.52
CA LEU C 15 -20.52 3.31 -17.39
C LEU C 15 -19.67 2.05 -17.26
N GLN C 16 -18.91 1.73 -18.30
CA GLN C 16 -18.14 0.50 -18.37
C GLN C 16 -16.68 0.74 -18.00
N SER C 17 -16.29 1.99 -17.75
CA SER C 17 -15.02 2.54 -17.31
C SER C 17 -14.75 2.11 -15.88
N PRO C 18 -13.49 1.93 -15.46
CA PRO C 18 -13.22 1.26 -14.19
C PRO C 18 -13.43 2.12 -12.95
N THR C 19 -13.81 3.38 -13.08
CA THR C 19 -14.11 4.16 -11.89
C THR C 19 -15.55 3.96 -11.43
N LEU C 20 -16.53 4.17 -12.31
CA LEU C 20 -17.92 3.96 -11.91
C LEU C 20 -18.31 2.49 -11.89
N ALA C 21 -17.53 1.62 -12.52
CA ALA C 21 -17.87 0.20 -12.51
C ALA C 21 -17.69 -0.42 -11.13
N PHE C 22 -16.81 0.13 -10.30
CA PHE C 22 -16.71 -0.43 -8.96
C PHE C 22 -17.79 0.13 -8.05
N LEU C 23 -18.26 1.35 -8.32
CA LEU C 23 -19.29 1.98 -7.51
C LEU C 23 -20.60 1.20 -7.59
N ILE C 24 -21.01 0.85 -8.80
CA ILE C 24 -22.24 0.08 -8.97
C ILE C 24 -21.91 -1.39 -8.90
N GLY C 25 -20.62 -1.70 -8.75
CA GLY C 25 -20.17 -3.02 -8.39
C GLY C 25 -20.03 -3.22 -6.90
N GLY C 26 -20.18 -2.15 -6.12
CA GLY C 26 -20.22 -2.26 -4.68
C GLY C 26 -21.64 -2.22 -4.16
N MET C 27 -22.54 -1.53 -4.87
CA MET C 27 -23.95 -1.60 -4.53
C MET C 27 -24.50 -3.00 -4.74
N VAL C 28 -24.14 -3.64 -5.86
CA VAL C 28 -24.73 -4.91 -6.23
C VAL C 28 -24.25 -6.05 -5.34
N ILE C 29 -23.10 -5.91 -4.69
CA ILE C 29 -22.73 -6.94 -3.72
C ILE C 29 -23.37 -6.65 -2.36
N ALA C 30 -23.56 -5.37 -2.01
CA ALA C 30 -24.16 -5.05 -0.71
C ALA C 30 -25.64 -5.39 -0.67
N ALA C 31 -26.28 -5.53 -1.82
CA ALA C 31 -27.63 -6.04 -1.85
C ALA C 31 -27.64 -7.56 -1.71
N LEU C 32 -26.48 -8.19 -1.72
CA LEU C 32 -26.39 -9.64 -1.64
C LEU C 32 -25.68 -10.13 -0.38
N GLY C 33 -25.55 -9.30 0.64
CA GLY C 33 -24.83 -9.76 1.82
C GLY C 33 -23.46 -9.16 2.02
N THR C 34 -22.41 -9.90 1.61
CA THR C 34 -21.00 -9.51 1.56
C THR C 34 -20.43 -9.05 2.90
N GLN C 35 -20.05 -9.99 3.75
CA GLN C 35 -19.29 -9.65 4.96
C GLN C 35 -17.92 -9.02 4.73
N LEU C 36 -17.51 -8.82 3.48
CA LEU C 36 -16.30 -8.06 3.14
C LEU C 36 -16.34 -6.67 3.76
N VAL C 37 -15.21 -6.28 4.34
CA VAL C 37 -15.05 -4.94 4.89
C VAL C 37 -13.58 -4.56 4.83
N ILE C 38 -13.31 -3.35 4.35
CA ILE C 38 -11.98 -2.77 4.34
C ILE C 38 -11.84 -2.01 5.66
N PRO C 39 -10.79 -2.23 6.44
CA PRO C 39 -10.71 -1.64 7.79
C PRO C 39 -10.52 -0.14 7.74
N GLU C 40 -10.73 0.47 8.90
CA GLU C 40 -10.76 1.92 9.01
C GLU C 40 -9.36 2.54 8.89
N ALA C 41 -8.31 1.77 9.11
CA ALA C 41 -6.96 2.30 8.94
C ALA C 41 -6.60 2.43 7.48
N ILE C 42 -7.08 1.54 6.63
CA ILE C 42 -6.78 1.64 5.21
C ILE C 42 -7.58 2.77 4.58
N SER C 43 -8.83 2.92 4.97
CA SER C 43 -9.67 3.97 4.44
C SER C 43 -9.39 5.35 5.04
N THR C 44 -8.31 5.54 5.78
CA THR C 44 -7.83 6.86 6.14
C THR C 44 -6.40 7.08 5.71
N ILE C 45 -5.80 6.12 5.00
CA ILE C 45 -4.59 6.37 4.22
C ILE C 45 -4.88 6.35 2.73
N ILE C 46 -6.11 6.03 2.34
CA ILE C 46 -6.57 6.28 0.98
C ILE C 46 -7.18 7.68 0.89
N VAL C 47 -7.67 8.24 2.00
CA VAL C 47 -8.18 9.61 1.95
C VAL C 47 -7.04 10.62 1.90
N PHE C 48 -6.05 10.47 2.77
CA PHE C 48 -4.72 11.00 2.50
C PHE C 48 -4.10 10.22 1.35
N MET C 49 -3.08 10.78 0.69
CA MET C 49 -2.29 10.14 -0.37
C MET C 49 -3.11 9.96 -1.64
N LEU C 50 -4.33 10.48 -1.66
CA LEU C 50 -5.13 10.71 -2.84
C LEU C 50 -5.66 12.12 -2.88
N LEU C 51 -5.63 12.84 -1.77
CA LEU C 51 -5.72 14.29 -1.75
C LEU C 51 -4.37 14.95 -1.67
N THR C 52 -3.29 14.18 -1.77
CA THR C 52 -1.97 14.77 -1.95
C THR C 52 -1.54 14.72 -3.40
N LYS C 53 -2.08 13.79 -4.19
CA LYS C 53 -1.87 13.82 -5.62
C LYS C 53 -2.53 15.03 -6.25
N ILE C 54 -3.66 15.47 -5.70
CA ILE C 54 -4.35 16.60 -6.29
C ILE C 54 -3.69 17.89 -5.86
N GLY C 55 -3.16 17.93 -4.65
CA GLY C 55 -2.41 19.10 -4.22
C GLY C 55 -1.08 19.25 -4.94
N LEU C 56 -0.40 18.14 -5.19
CA LEU C 56 0.85 18.23 -5.92
C LEU C 56 0.63 18.57 -7.38
N THR C 57 -0.47 18.11 -7.97
CA THR C 57 -0.74 18.40 -9.38
C THR C 57 -1.11 19.86 -9.57
N GLY C 58 -1.97 20.40 -8.69
CA GLY C 58 -2.28 21.81 -8.75
C GLY C 58 -1.10 22.68 -8.38
N GLY C 59 -0.25 22.19 -7.49
CA GLY C 59 0.91 22.97 -7.07
C GLY C 59 2.01 23.00 -8.11
N MET C 60 2.20 21.90 -8.84
CA MET C 60 3.17 21.89 -9.91
C MET C 60 2.73 22.68 -11.12
N ALA C 61 1.42 22.84 -11.33
CA ALA C 61 0.93 23.57 -12.47
C ALA C 61 1.04 25.08 -12.29
N ILE C 62 1.27 25.55 -11.07
CA ILE C 62 1.42 26.98 -10.86
C ILE C 62 2.86 27.43 -11.07
N ARG C 63 3.84 26.56 -10.83
CA ARG C 63 5.23 26.89 -11.14
C ARG C 63 5.44 27.10 -12.63
N ASN C 64 5.18 26.07 -13.43
CA ASN C 64 5.50 26.11 -14.85
C ASN C 64 4.34 26.66 -15.69
N SER C 65 3.79 27.79 -15.27
CA SER C 65 2.74 28.47 -16.00
C SER C 65 2.73 29.93 -15.60
N ASN C 66 2.36 30.78 -16.53
CA ASN C 66 2.30 32.21 -16.27
C ASN C 66 1.04 32.56 -15.48
N LEU C 67 1.18 33.55 -14.61
CA LEU C 67 0.06 34.04 -13.80
C LEU C 67 -0.66 35.19 -14.46
N THR C 68 -0.68 35.22 -15.79
CA THR C 68 -1.56 36.09 -16.55
C THR C 68 -2.82 35.37 -17.01
N GLU C 69 -2.66 34.17 -17.54
CA GLU C 69 -3.74 33.41 -18.14
C GLU C 69 -4.62 32.71 -17.12
N MET C 70 -4.19 32.61 -15.86
CA MET C 70 -4.93 31.90 -14.83
C MET C 70 -5.62 32.86 -13.87
N LEU C 71 -6.10 33.99 -14.35
CA LEU C 71 -6.92 34.89 -13.56
C LEU C 71 -8.40 34.78 -13.87
N LEU C 72 -8.77 34.84 -15.13
CA LEU C 72 -10.16 34.64 -15.52
C LEU C 72 -10.70 33.23 -15.27
N PRO C 73 -9.95 32.12 -15.43
CA PRO C 73 -10.52 30.82 -15.01
C PRO C 73 -10.64 30.64 -13.51
N VAL C 74 -9.88 31.37 -12.68
CA VAL C 74 -10.04 31.22 -11.24
C VAL C 74 -10.95 32.28 -10.64
N ALA C 75 -11.18 33.38 -11.34
CA ALA C 75 -12.22 34.31 -10.91
C ALA C 75 -13.59 33.88 -11.41
N PHE C 76 -13.62 33.01 -12.41
CA PHE C 76 -14.86 32.34 -12.80
C PHE C 76 -15.00 30.98 -12.13
N SER C 77 -14.21 30.72 -11.09
CA SER C 77 -14.32 29.51 -10.29
C SER C 77 -14.63 29.80 -8.84
N VAL C 78 -14.01 30.84 -8.28
CA VAL C 78 -14.38 31.31 -6.95
C VAL C 78 -15.81 31.82 -6.94
N ILE C 79 -16.16 32.67 -7.92
CA ILE C 79 -17.53 33.14 -8.09
C ILE C 79 -18.47 31.98 -8.38
N LEU C 80 -18.00 31.02 -9.17
CA LEU C 80 -18.79 29.82 -9.44
C LEU C 80 -18.87 28.89 -8.24
N GLY C 81 -17.96 29.03 -7.28
CA GLY C 81 -18.03 28.24 -6.06
C GLY C 81 -18.99 28.81 -5.04
N ILE C 82 -18.99 30.14 -4.90
CA ILE C 82 -19.84 30.77 -3.89
C ILE C 82 -21.29 30.80 -4.37
N LEU C 83 -21.51 30.81 -5.68
CA LEU C 83 -22.87 30.96 -6.20
C LEU C 83 -23.73 29.73 -5.95
N ILE C 84 -23.11 28.55 -5.91
CA ILE C 84 -23.86 27.29 -5.84
C ILE C 84 -24.60 27.16 -4.51
N VAL C 85 -23.97 27.58 -3.41
CA VAL C 85 -24.61 27.42 -2.12
C VAL C 85 -25.73 28.45 -1.94
N PHE C 86 -25.62 29.62 -2.57
CA PHE C 86 -26.69 30.61 -2.47
C PHE C 86 -27.88 30.24 -3.34
N ILE C 87 -27.66 29.60 -4.48
CA ILE C 87 -28.77 29.11 -5.30
C ILE C 87 -29.56 28.07 -4.52
N ALA C 88 -28.85 27.13 -3.88
CA ALA C 88 -29.50 26.12 -3.06
C ALA C 88 -30.14 26.69 -1.81
N ARG C 89 -29.68 27.86 -1.36
CA ARG C 89 -30.35 28.56 -0.27
C ARG C 89 -31.64 29.20 -0.74
N PHE C 90 -31.83 29.37 -2.05
CA PHE C 90 -33.06 29.89 -2.61
C PHE C 90 -33.87 28.85 -3.36
N THR C 91 -33.23 27.82 -3.91
CA THR C 91 -33.94 26.80 -4.67
C THR C 91 -34.55 25.76 -3.74
N LEU C 92 -33.71 25.10 -2.94
CA LEU C 92 -34.16 23.95 -2.18
C LEU C 92 -34.88 24.34 -0.90
N ALA C 93 -34.73 25.60 -0.46
CA ALA C 93 -35.25 25.99 0.85
C ALA C 93 -36.76 26.21 0.81
N LYS C 94 -37.24 27.05 -0.11
CA LYS C 94 -38.65 27.46 -0.10
C LYS C 94 -39.52 26.31 -0.62
N LEU C 95 -39.69 25.30 0.25
CA LEU C 95 -40.28 24.00 -0.05
C LEU C 95 -41.17 23.52 1.10
N PRO C 96 -41.88 22.37 0.94
CA PRO C 96 -42.52 21.75 2.11
C PRO C 96 -41.56 21.19 3.16
N ASN C 97 -42.13 20.43 4.10
CA ASN C 97 -41.68 20.22 5.49
C ASN C 97 -40.20 19.90 5.73
N VAL C 98 -39.45 19.51 4.70
CA VAL C 98 -38.06 19.11 4.89
C VAL C 98 -37.09 20.29 4.79
N ARG C 99 -37.60 21.51 4.92
CA ARG C 99 -36.80 22.73 4.76
C ARG C 99 -36.00 23.11 6.01
N THR C 100 -35.37 22.12 6.63
CA THR C 100 -34.44 22.38 7.72
C THR C 100 -33.16 22.91 7.09
N VAL C 101 -32.93 24.21 7.26
CA VAL C 101 -31.98 24.95 6.44
C VAL C 101 -30.55 24.50 6.70
N ASP C 102 -30.24 24.15 7.95
CA ASP C 102 -28.93 23.61 8.29
C ASP C 102 -28.71 22.22 7.72
N ALA C 103 -29.76 21.47 7.42
CA ALA C 103 -29.65 20.25 6.64
C ALA C 103 -29.93 20.49 5.18
N LEU C 104 -29.87 21.75 4.75
CA LEU C 104 -30.17 22.09 3.37
C LEU C 104 -29.07 22.93 2.74
N ALA C 105 -28.47 23.84 3.50
CA ALA C 105 -27.27 24.49 2.99
C ALA C 105 -26.10 23.52 2.88
N THR C 106 -26.05 22.49 3.73
CA THR C 106 -25.05 21.44 3.57
C THR C 106 -25.37 20.51 2.43
N GLY C 107 -26.65 20.34 2.11
CA GLY C 107 -27.03 19.64 0.89
C GLY C 107 -26.54 20.34 -0.36
N GLY C 108 -26.31 21.65 -0.27
CA GLY C 108 -25.53 22.35 -1.26
C GLY C 108 -24.06 22.36 -0.90
N LEU C 109 -23.45 21.18 -0.81
CA LEU C 109 -22.00 21.05 -0.67
C LEU C 109 -21.30 20.95 -2.00
N PHE C 110 -21.96 21.33 -3.09
CA PHE C 110 -21.56 20.89 -4.42
C PHE C 110 -20.36 21.73 -4.86
N GLY C 111 -19.20 21.32 -4.36
CA GLY C 111 -17.93 21.91 -4.73
C GLY C 111 -17.27 21.13 -5.85
N ALA C 112 -16.13 20.52 -5.58
CA ALA C 112 -15.42 19.74 -6.57
C ALA C 112 -15.12 18.37 -6.00
N VAL C 113 -14.81 17.40 -6.87
CA VAL C 113 -14.57 16.04 -6.44
C VAL C 113 -13.20 15.56 -6.87
N SER C 114 -12.80 14.45 -6.28
CA SER C 114 -11.67 13.65 -6.68
C SER C 114 -12.08 12.48 -7.54
N GLY C 115 -13.22 11.87 -7.21
CA GLY C 115 -13.58 10.59 -7.80
C GLY C 115 -13.96 10.72 -9.26
N SER C 116 -14.60 11.82 -9.63
CA SER C 116 -14.73 12.16 -11.03
C SER C 116 -13.96 13.43 -11.31
N THR C 117 -13.98 13.84 -12.58
CA THR C 117 -13.54 15.12 -13.12
C THR C 117 -12.05 15.39 -13.00
N MET C 118 -11.34 14.55 -12.28
CA MET C 118 -9.90 14.48 -12.25
C MET C 118 -9.42 13.16 -12.80
N ALA C 119 -10.20 12.11 -12.65
CA ALA C 119 -9.93 10.82 -13.23
C ALA C 119 -11.04 10.35 -14.16
N ALA C 120 -12.20 10.98 -14.15
CA ALA C 120 -13.25 10.61 -15.10
C ALA C 120 -13.27 11.53 -16.31
N ALA C 121 -13.22 12.83 -16.12
CA ALA C 121 -13.19 13.73 -17.26
C ALA C 121 -11.84 13.70 -17.96
N LEU C 122 -10.75 13.83 -17.20
CA LEU C 122 -9.42 13.95 -17.78
C LEU C 122 -8.98 12.68 -18.50
N THR C 123 -9.52 11.53 -18.15
CA THR C 123 -9.18 10.31 -18.86
C THR C 123 -10.11 10.03 -20.01
N THR C 124 -11.23 10.73 -20.13
CA THR C 124 -12.00 10.71 -21.36
C THR C 124 -11.86 11.98 -22.16
N LEU C 125 -11.20 13.01 -21.62
CA LEU C 125 -10.96 14.23 -22.37
C LEU C 125 -9.94 13.96 -23.46
N GLU C 126 -8.74 13.55 -23.06
CA GLU C 126 -7.67 13.24 -23.98
C GLU C 126 -7.72 11.79 -24.47
N GLU C 127 -8.81 11.09 -24.22
CA GLU C 127 -8.94 9.76 -24.81
C GLU C 127 -9.27 9.84 -26.29
N SER C 128 -10.14 10.76 -26.70
CA SER C 128 -10.59 10.79 -28.09
C SER C 128 -9.75 11.74 -28.94
N LYS C 129 -9.98 13.05 -28.85
CA LYS C 129 -9.22 13.97 -29.66
C LYS C 129 -8.76 15.21 -28.89
N ILE C 130 -9.63 15.75 -28.05
CA ILE C 130 -9.51 17.15 -27.67
C ILE C 130 -8.49 17.30 -26.56
N SER C 131 -7.77 18.42 -26.60
CA SER C 131 -6.69 18.71 -25.68
C SER C 131 -7.12 19.81 -24.72
N TYR C 132 -6.43 19.87 -23.58
CA TYR C 132 -6.74 20.83 -22.54
C TYR C 132 -5.42 21.44 -22.06
N GLU C 133 -5.51 22.30 -21.05
CA GLU C 133 -4.34 23.05 -20.60
C GLU C 133 -3.49 22.23 -19.65
N ALA C 134 -2.58 22.88 -18.93
CA ALA C 134 -1.83 22.16 -17.91
C ALA C 134 -2.47 22.24 -16.54
N TRP C 135 -3.27 23.26 -16.28
CA TRP C 135 -3.84 23.49 -14.96
C TRP C 135 -5.26 22.93 -14.87
N ALA C 136 -5.37 21.61 -15.05
CA ALA C 136 -6.65 20.96 -14.79
C ALA C 136 -6.91 20.85 -13.30
N GLY C 137 -6.02 20.18 -12.58
CA GLY C 137 -6.15 20.03 -11.15
C GLY C 137 -5.87 21.25 -10.33
N ALA C 138 -5.38 22.34 -10.94
CA ALA C 138 -5.21 23.59 -10.22
C ALA C 138 -6.50 24.33 -10.02
N LEU C 139 -7.58 23.89 -10.67
CA LEU C 139 -8.91 24.39 -10.36
C LEU C 139 -9.62 23.51 -9.34
N TYR C 140 -8.92 22.59 -8.71
CA TYR C 140 -9.52 21.86 -7.60
C TYR C 140 -9.49 22.62 -6.27
N PRO C 141 -8.37 23.24 -5.79
CA PRO C 141 -8.46 23.92 -4.48
C PRO C 141 -9.40 25.10 -4.48
N PHE C 142 -9.35 25.90 -5.54
CA PHE C 142 -10.40 26.86 -5.80
C PHE C 142 -11.68 26.11 -6.14
N MET C 143 -12.82 26.68 -5.76
CA MET C 143 -14.17 26.12 -5.83
C MET C 143 -14.34 24.91 -4.89
N ASP C 144 -13.36 24.62 -4.03
CA ASP C 144 -13.52 23.66 -2.96
C ASP C 144 -13.30 24.30 -1.61
N ILE C 145 -12.23 25.07 -1.47
CA ILE C 145 -12.07 25.89 -0.27
C ILE C 145 -13.15 26.95 -0.11
N PRO C 146 -13.48 27.80 -1.12
CA PRO C 146 -14.55 28.77 -0.87
C PRO C 146 -15.94 28.19 -0.90
N ALA C 147 -16.15 27.04 -1.52
CA ALA C 147 -17.49 26.49 -1.61
C ALA C 147 -17.93 25.76 -0.35
N LEU C 148 -17.01 25.44 0.56
CA LEU C 148 -17.40 24.80 1.81
C LEU C 148 -17.50 25.77 2.97
N VAL C 149 -16.68 26.83 2.98
CA VAL C 149 -16.76 27.80 4.05
C VAL C 149 -18.07 28.60 3.96
N THR C 150 -18.54 28.89 2.74
CA THR C 150 -19.80 29.57 2.58
C THR C 150 -20.99 28.68 2.90
N ALA C 151 -20.79 27.36 2.90
CA ALA C 151 -21.82 26.51 3.50
C ALA C 151 -21.82 26.65 5.01
N ILE C 152 -20.65 26.85 5.60
CA ILE C 152 -20.56 26.91 7.05
C ILE C 152 -21.01 28.26 7.57
N VAL C 153 -20.50 29.34 6.98
CA VAL C 153 -20.72 30.69 7.49
C VAL C 153 -22.19 31.09 7.37
N VAL C 154 -22.83 30.74 6.24
CA VAL C 154 -24.24 31.05 6.04
C VAL C 154 -25.10 30.26 7.03
N ALA C 155 -24.85 28.96 7.15
CA ALA C 155 -25.65 28.15 8.06
C ALA C 155 -25.28 28.33 9.52
N ASN C 156 -24.20 29.06 9.83
CA ASN C 156 -23.91 29.40 11.21
C ASN C 156 -24.50 30.76 11.58
N ILE C 157 -24.46 31.71 10.65
CA ILE C 157 -25.01 33.04 10.94
C ILE C 157 -26.53 33.01 10.88
N TYR C 158 -27.12 32.04 10.17
CA TYR C 158 -28.57 31.91 10.17
C TYR C 158 -29.06 31.35 11.48
N LEU C 159 -28.26 30.52 12.14
CA LEU C 159 -28.69 29.94 13.40
C LEU C 159 -28.62 30.96 14.53
N ASN C 160 -27.63 31.85 14.51
CA ASN C 160 -27.47 32.79 15.61
C ASN C 160 -28.55 33.88 15.61
N LYS C 161 -29.01 34.28 14.43
CA LYS C 161 -30.06 35.29 14.32
C LYS C 161 -31.45 34.72 14.50
N ARG C 162 -31.58 33.43 14.78
CA ARG C 162 -32.89 32.81 14.96
C ARG C 162 -33.05 32.10 16.30
N LYS C 163 -32.04 31.38 16.79
CA LYS C 163 -32.16 30.68 18.06
C LYS C 163 -31.51 31.42 19.21
N ARG C 164 -30.30 31.94 19.01
CA ARG C 164 -29.60 32.69 20.05
C ARG C 164 -30.15 34.11 20.15
N LYS C 165 -30.21 34.84 19.04
CA LYS C 165 -30.86 36.15 18.98
C LYS C 165 -32.25 35.94 18.40
N SER C 166 -33.15 35.41 19.21
CA SER C 166 -34.52 35.15 18.79
C SER C 166 -35.38 36.40 18.91
N TRP C 212 -12.60 34.69 10.65
CA TRP C 212 -11.51 33.73 10.81
C TRP C 212 -11.71 32.49 11.71
N PRO C 213 -12.30 32.58 12.93
CA PRO C 213 -12.45 31.34 13.72
C PRO C 213 -13.52 30.41 13.19
N ILE C 214 -14.28 30.81 12.17
CA ILE C 214 -15.25 29.92 11.55
C ILE C 214 -14.59 29.07 10.49
N ILE C 215 -13.75 29.68 9.65
CA ILE C 215 -13.01 28.95 8.63
C ILE C 215 -11.83 28.19 9.23
N GLU C 216 -11.40 28.54 10.44
CA GLU C 216 -10.20 27.95 11.01
C GLU C 216 -10.40 26.50 11.42
N GLU C 217 -11.56 26.14 11.96
CA GLU C 217 -11.73 24.76 12.37
C GLU C 217 -11.96 23.85 11.18
N SER C 218 -12.47 24.39 10.07
CA SER C 218 -12.69 23.58 8.88
C SER C 218 -11.39 23.30 8.16
N LEU C 219 -10.60 24.34 7.89
CA LEU C 219 -9.37 24.19 7.13
C LEU C 219 -8.28 23.48 7.92
N GLN C 220 -8.38 23.49 9.24
CA GLN C 220 -7.44 22.79 10.11
C GLN C 220 -8.10 21.48 10.50
N GLY C 221 -7.93 20.48 9.64
CA GLY C 221 -8.56 19.20 9.83
C GLY C 221 -8.02 18.21 8.82
N PRO C 222 -8.34 16.93 9.00
CA PRO C 222 -7.85 15.92 8.07
C PRO C 222 -8.63 16.02 6.78
N ALA C 223 -8.00 15.56 5.69
CA ALA C 223 -8.51 15.60 4.33
C ALA C 223 -8.75 17.01 3.80
N LEU C 224 -8.25 18.03 4.49
CA LEU C 224 -8.17 19.35 3.89
C LEU C 224 -6.84 20.02 4.15
N SER C 225 -6.15 19.68 5.23
CA SER C 225 -4.74 20.00 5.37
C SER C 225 -3.84 19.00 4.67
N ALA C 226 -4.40 17.86 4.27
CA ALA C 226 -3.70 16.92 3.41
C ALA C 226 -3.63 17.39 1.96
N MET C 227 -4.42 18.39 1.60
CA MET C 227 -4.38 19.01 0.28
C MET C 227 -3.52 20.24 0.26
N LEU C 228 -3.56 21.06 1.33
CA LEU C 228 -2.70 22.23 1.39
C LEU C 228 -1.24 21.84 1.60
N LEU C 229 -0.99 20.67 2.16
CA LEU C 229 0.36 20.12 2.16
C LEU C 229 0.80 19.77 0.75
N GLY C 230 -0.15 19.45 -0.14
CA GLY C 230 0.22 19.20 -1.51
C GLY C 230 0.54 20.45 -2.29
N LEU C 231 -0.14 21.56 -1.99
CA LEU C 231 0.10 22.79 -2.73
C LEU C 231 1.41 23.45 -2.32
N ALA C 232 1.68 23.51 -1.01
CA ALA C 232 2.89 24.16 -0.54
C ALA C 232 4.14 23.40 -0.95
N LEU C 233 4.03 22.09 -1.09
CA LEU C 233 5.11 21.27 -1.63
C LEU C 233 5.03 21.15 -3.13
N GLY C 234 4.09 21.82 -3.77
CA GLY C 234 4.05 21.84 -5.21
C GLY C 234 4.52 23.17 -5.75
N ILE C 235 4.26 24.23 -4.99
CA ILE C 235 4.69 25.56 -5.40
C ILE C 235 6.16 25.77 -5.06
N PHE C 236 6.57 25.40 -3.86
CA PHE C 236 7.88 25.80 -3.38
C PHE C 236 8.98 24.80 -3.69
N THR C 237 8.70 23.51 -3.55
CA THR C 237 9.73 22.50 -3.71
C THR C 237 9.60 21.81 -5.06
N LYS C 238 10.45 20.81 -5.30
CA LYS C 238 10.50 20.11 -6.58
C LYS C 238 10.33 18.62 -6.32
N PRO C 239 9.10 18.14 -6.12
CA PRO C 239 8.87 16.72 -5.86
C PRO C 239 8.59 15.93 -7.14
N GLU C 240 9.45 16.08 -8.13
CA GLU C 240 9.19 15.39 -9.39
C GLU C 240 9.63 13.94 -9.38
N SER C 241 10.27 13.48 -8.32
CA SER C 241 10.71 12.09 -8.24
C SER C 241 9.87 11.25 -7.31
N VAL C 242 9.02 11.87 -6.49
CA VAL C 242 8.14 11.16 -5.59
C VAL C 242 6.69 11.21 -6.06
N TYR C 243 6.27 12.32 -6.69
CA TYR C 243 4.97 12.38 -7.36
C TYR C 243 4.88 11.34 -8.46
N GLU C 244 5.71 11.47 -9.47
CA GLU C 244 5.70 10.52 -10.58
C GLU C 244 6.55 9.34 -10.14
N GLY C 245 5.88 8.31 -9.65
CA GLY C 245 6.56 7.14 -9.12
C GLY C 245 5.88 6.57 -7.90
N PHE C 246 5.28 7.40 -7.07
CA PHE C 246 4.48 6.82 -6.00
C PHE C 246 3.09 7.42 -5.87
N TYR C 247 2.93 8.73 -6.01
CA TYR C 247 1.61 9.32 -5.83
C TYR C 247 0.79 9.28 -7.10
N ASP C 248 1.42 9.36 -8.26
CA ASP C 248 0.74 9.35 -9.54
C ASP C 248 0.40 7.97 -10.13
N PRO C 249 1.28 6.94 -10.09
CA PRO C 249 0.85 5.67 -10.71
C PRO C 249 -0.22 4.93 -9.94
N LEU C 250 -0.13 4.86 -8.62
CA LEU C 250 -1.21 4.26 -7.85
C LEU C 250 -2.19 5.30 -7.33
N PHE C 251 -2.65 6.19 -8.21
CA PHE C 251 -3.78 7.07 -7.91
C PHE C 251 -5.07 6.53 -8.48
N ARG C 252 -5.03 6.06 -9.72
CA ARG C 252 -6.24 5.54 -10.36
C ARG C 252 -6.66 4.23 -9.73
N GLY C 253 -5.72 3.46 -9.21
CA GLY C 253 -6.03 2.22 -8.56
C GLY C 253 -6.63 2.40 -7.19
N LEU C 254 -6.05 3.31 -6.39
CA LEU C 254 -6.56 3.55 -5.04
C LEU C 254 -7.91 4.24 -5.04
N LEU C 255 -8.27 4.90 -6.13
CA LEU C 255 -9.61 5.47 -6.23
C LEU C 255 -10.66 4.38 -6.37
N SER C 256 -10.29 3.23 -6.92
CA SER C 256 -11.24 2.15 -7.06
C SER C 256 -11.49 1.41 -5.76
N ILE C 257 -10.56 1.45 -4.80
CA ILE C 257 -10.86 0.93 -3.47
C ILE C 257 -11.80 1.88 -2.75
N LEU C 258 -11.58 3.19 -2.92
CA LEU C 258 -12.38 4.19 -2.23
C LEU C 258 -13.74 4.38 -2.88
N MET C 259 -13.91 4.02 -4.15
CA MET C 259 -15.24 3.88 -4.71
C MET C 259 -15.81 2.49 -4.55
N LEU C 260 -15.22 1.66 -3.69
CA LEU C 260 -15.88 0.43 -3.30
C LEU C 260 -16.46 0.57 -1.90
N ILE C 261 -15.76 1.30 -1.03
CA ILE C 261 -16.32 1.69 0.26
C ILE C 261 -17.54 2.55 0.06
N MET C 262 -17.42 3.54 -0.82
CA MET C 262 -18.48 4.51 -1.07
C MET C 262 -19.66 3.87 -1.79
N GLY C 263 -19.47 2.72 -2.41
CA GLY C 263 -20.55 2.04 -3.09
C GLY C 263 -21.38 1.16 -2.19
N MET C 264 -20.76 0.43 -1.28
CA MET C 264 -21.50 -0.49 -0.43
C MET C 264 -21.86 0.10 0.92
N GLU C 265 -21.41 1.32 1.21
CA GLU C 265 -22.00 2.11 2.28
C GLU C 265 -23.09 3.03 1.76
N ALA C 266 -23.47 2.87 0.50
CA ALA C 266 -24.53 3.65 -0.10
C ALA C 266 -25.81 2.85 -0.30
N TRP C 267 -25.80 1.56 0.01
CA TRP C 267 -27.02 0.78 -0.18
C TRP C 267 -28.02 1.07 0.94
N SER C 268 -27.56 1.08 2.19
CA SER C 268 -28.46 1.37 3.29
C SER C 268 -28.80 2.85 3.35
N ARG C 269 -27.84 3.70 2.98
CA ARG C 269 -28.00 5.14 3.14
C ARG C 269 -28.98 5.71 2.11
N ILE C 270 -29.15 5.06 0.96
CA ILE C 270 -30.18 5.50 0.04
C ILE C 270 -31.55 4.95 0.46
N GLY C 271 -31.57 3.89 1.27
CA GLY C 271 -32.82 3.39 1.79
C GLY C 271 -33.26 4.19 3.00
N GLU C 272 -32.29 4.67 3.76
CA GLU C 272 -32.59 5.54 4.88
C GLU C 272 -33.04 6.92 4.42
N LEU C 273 -32.69 7.30 3.18
CA LEU C 273 -33.11 8.57 2.62
C LEU C 273 -34.61 8.63 2.35
N ARG C 274 -35.29 7.49 2.26
CA ARG C 274 -36.74 7.47 2.14
C ARG C 274 -37.44 8.02 3.37
N LYS C 275 -36.83 7.92 4.54
CA LYS C 275 -37.33 8.55 5.76
C LYS C 275 -37.30 10.06 5.69
N VAL C 276 -36.32 10.64 5.01
CA VAL C 276 -36.09 12.08 5.08
C VAL C 276 -37.10 12.85 4.23
N ALA C 277 -37.12 12.59 2.93
CA ALA C 277 -37.86 13.49 2.04
C ALA C 277 -38.25 12.77 0.77
N GLN C 278 -38.90 13.54 -0.11
CA GLN C 278 -39.09 13.21 -1.50
C GLN C 278 -38.51 14.29 -2.41
N TRP C 279 -37.84 15.28 -1.82
CA TRP C 279 -37.35 16.43 -2.56
C TRP C 279 -35.84 16.48 -2.68
N TYR C 280 -35.10 15.79 -1.80
CA TYR C 280 -33.67 15.68 -2.00
C TYR C 280 -33.31 14.77 -3.15
N VAL C 281 -34.22 13.88 -3.56
CA VAL C 281 -34.00 13.08 -4.75
C VAL C 281 -34.07 13.96 -5.99
N VAL C 282 -35.07 14.84 -6.06
CA VAL C 282 -35.30 15.64 -7.25
C VAL C 282 -34.19 16.67 -7.42
N TYR C 283 -33.70 17.23 -6.32
CA TYR C 283 -32.54 18.10 -6.38
C TYR C 283 -31.28 17.35 -6.79
N SER C 284 -31.22 16.05 -6.50
CA SER C 284 -30.03 15.28 -6.85
C SER C 284 -29.98 14.88 -8.32
N LEU C 285 -31.13 14.71 -8.97
CA LEU C 285 -31.12 14.32 -10.37
C LEU C 285 -30.98 15.50 -11.32
N ILE C 286 -31.22 16.73 -10.86
CA ILE C 286 -31.35 17.88 -11.73
C ILE C 286 -30.22 18.87 -11.54
N ALA C 287 -29.83 19.14 -10.29
CA ALA C 287 -28.79 20.13 -10.04
C ALA C 287 -27.39 19.78 -10.58
N PRO C 288 -26.96 18.52 -10.72
CA PRO C 288 -25.74 18.29 -11.52
C PRO C 288 -25.92 18.54 -13.01
N ILE C 289 -27.14 18.74 -13.50
CA ILE C 289 -27.28 19.17 -14.88
C ILE C 289 -27.30 20.69 -14.97
N VAL C 290 -28.05 21.35 -14.09
CA VAL C 290 -28.24 22.78 -14.22
C VAL C 290 -27.03 23.57 -13.71
N HIS C 291 -26.17 22.95 -12.90
CA HIS C 291 -24.93 23.62 -12.52
C HIS C 291 -23.86 23.56 -13.60
N GLY C 292 -24.06 22.75 -14.61
CA GLY C 292 -23.12 22.69 -15.71
C GLY C 292 -23.36 23.78 -16.72
N PHE C 293 -24.63 24.00 -17.09
CA PHE C 293 -24.93 24.96 -18.13
C PHE C 293 -24.75 26.40 -17.67
N ILE C 294 -24.93 26.67 -16.37
CA ILE C 294 -24.58 28.00 -15.87
C ILE C 294 -23.09 28.15 -15.68
N ALA C 295 -22.33 27.07 -15.84
CA ALA C 295 -20.87 27.11 -15.84
C ALA C 295 -20.31 27.01 -17.24
N PHE C 296 -21.04 26.37 -18.15
CA PHE C 296 -20.57 26.20 -19.52
C PHE C 296 -20.67 27.52 -20.29
N GLY C 297 -21.76 28.26 -20.08
CA GLY C 297 -21.87 29.57 -20.69
C GLY C 297 -21.04 30.61 -19.97
N LEU C 298 -20.87 30.47 -18.66
CA LEU C 298 -20.00 31.39 -17.93
C LEU C 298 -18.54 31.06 -18.18
N GLY C 299 -18.25 29.83 -18.58
CA GLY C 299 -16.94 29.52 -19.10
C GLY C 299 -16.75 29.87 -20.55
N MET C 300 -17.81 30.31 -21.22
CA MET C 300 -17.71 30.67 -22.64
C MET C 300 -17.35 32.15 -22.80
N ILE C 301 -16.92 32.77 -21.70
CA ILE C 301 -16.49 34.19 -21.74
C ILE C 301 -14.97 34.17 -21.94
N ALA C 302 -14.29 33.30 -21.19
CA ALA C 302 -12.82 33.15 -21.26
C ALA C 302 -12.38 32.86 -22.70
N HIS C 303 -13.09 31.95 -23.38
CA HIS C 303 -12.75 31.59 -24.77
C HIS C 303 -12.70 32.86 -25.64
N TYR C 304 -13.71 33.72 -25.53
CA TYR C 304 -13.76 34.97 -26.32
C TYR C 304 -13.22 36.14 -25.50
N ALA C 305 -12.08 35.93 -24.83
CA ALA C 305 -11.45 37.00 -24.01
C ALA C 305 -9.98 36.67 -23.74
N THR C 306 -9.72 35.69 -22.86
CA THR C 306 -8.33 35.31 -22.50
C THR C 306 -8.12 33.80 -22.68
N GLY C 307 -7.78 33.37 -23.90
CA GLY C 307 -7.49 31.95 -24.21
C GLY C 307 -8.50 30.99 -23.59
N PHE C 308 -8.02 30.09 -22.71
CA PHE C 308 -8.86 29.06 -22.05
C PHE C 308 -9.56 28.22 -23.12
N SER C 309 -8.79 27.36 -23.79
CA SER C 309 -9.26 26.48 -24.90
C SER C 309 -10.58 25.78 -24.56
N LEU C 310 -11.53 25.83 -25.51
CA LEU C 310 -12.81 25.16 -25.46
C LEU C 310 -12.67 23.76 -24.88
N GLY C 311 -11.49 23.16 -25.05
CA GLY C 311 -11.24 21.88 -24.40
C GLY C 311 -10.96 22.01 -22.92
N GLY C 312 -10.80 23.24 -22.44
CA GLY C 312 -10.61 23.48 -21.02
C GLY C 312 -11.88 23.88 -20.32
N VAL C 313 -12.82 24.46 -21.08
CA VAL C 313 -14.12 24.89 -20.57
C VAL C 313 -14.90 23.68 -20.08
N VAL C 314 -14.80 22.57 -20.82
CA VAL C 314 -15.42 21.33 -20.40
C VAL C 314 -14.75 20.77 -19.15
N VAL C 315 -13.47 21.08 -18.93
CA VAL C 315 -12.81 20.72 -17.67
C VAL C 315 -12.94 21.87 -16.69
N LEU C 316 -13.88 22.77 -16.91
CA LEU C 316 -14.36 23.68 -15.88
C LEU C 316 -15.84 23.46 -15.58
N ALA C 317 -16.60 22.94 -16.55
CA ALA C 317 -18.03 22.80 -16.37
C ALA C 317 -18.42 21.46 -15.78
N VAL C 318 -17.58 20.43 -15.91
CA VAL C 318 -17.88 19.19 -15.23
C VAL C 318 -17.39 19.25 -13.79
N ILE C 319 -16.47 20.15 -13.46
CA ILE C 319 -15.97 20.28 -12.10
C ILE C 319 -17.04 20.88 -11.20
N ALA C 320 -17.89 21.73 -11.76
CA ALA C 320 -18.88 22.48 -10.99
C ALA C 320 -20.20 21.73 -10.84
N ALA C 321 -20.26 20.48 -11.24
CA ALA C 321 -21.46 19.67 -11.21
C ALA C 321 -21.17 18.33 -10.57
N SER C 322 -20.53 18.36 -9.40
CA SER C 322 -19.73 17.22 -8.98
C SER C 322 -20.08 16.62 -7.63
N SER C 323 -20.49 17.42 -6.63
CA SER C 323 -20.94 16.96 -5.32
C SER C 323 -19.89 16.20 -4.52
N SER C 324 -18.97 16.94 -3.87
CA SER C 324 -17.79 16.44 -3.15
C SER C 324 -18.05 15.23 -2.26
N ASP C 325 -17.03 14.38 -2.14
CA ASP C 325 -17.15 13.07 -1.51
C ASP C 325 -16.11 12.84 -0.43
N ILE C 326 -14.94 13.45 -0.58
CA ILE C 326 -13.79 13.17 0.26
C ILE C 326 -13.45 14.37 1.14
N SER C 327 -13.34 15.55 0.55
CA SER C 327 -13.18 16.76 1.32
C SER C 327 -14.48 17.22 1.97
N GLY C 328 -15.60 16.69 1.51
CA GLY C 328 -16.89 17.14 1.98
C GLY C 328 -17.23 16.74 3.39
N PRO C 329 -17.49 15.46 3.65
CA PRO C 329 -18.07 15.06 4.94
C PRO C 329 -17.13 15.07 6.13
N PRO C 330 -15.80 15.01 5.98
CA PRO C 330 -14.96 15.41 7.14
C PRO C 330 -15.12 16.86 7.54
N THR C 331 -15.29 17.76 6.60
CA THR C 331 -15.80 19.09 6.93
C THR C 331 -17.31 19.02 7.02
N LEU C 332 -17.98 20.16 7.26
CA LEU C 332 -19.44 20.27 7.32
C LEU C 332 -20.14 19.38 8.36
N ARG C 333 -19.36 18.72 9.19
CA ARG C 333 -19.78 17.89 10.30
C ARG C 333 -19.20 18.37 11.61
N ALA C 334 -17.91 18.69 11.61
CA ALA C 334 -17.31 19.42 12.72
C ALA C 334 -17.56 20.91 12.64
N GLY C 335 -17.82 21.42 11.44
CA GLY C 335 -18.18 22.81 11.28
C GLY C 335 -19.65 23.04 11.56
N ILE C 336 -20.50 22.22 10.96
CA ILE C 336 -21.94 22.29 11.22
C ILE C 336 -22.34 21.00 11.92
N PRO C 337 -22.50 21.01 13.25
CA PRO C 337 -22.88 19.77 13.93
C PRO C 337 -24.34 19.40 13.73
N SER C 338 -25.26 20.37 13.80
CA SER C 338 -26.69 20.09 13.60
C SER C 338 -26.91 19.86 12.11
N ALA C 339 -26.71 18.63 11.69
CA ALA C 339 -26.43 18.36 10.29
C ALA C 339 -27.41 17.41 9.62
N ASN C 340 -27.95 16.45 10.38
CA ASN C 340 -28.70 15.29 9.90
C ASN C 340 -27.89 14.57 8.82
N PRO C 341 -26.81 13.85 9.19
CA PRO C 341 -25.79 13.43 8.22
C PRO C 341 -26.21 12.30 7.27
N SER C 342 -27.36 12.46 6.63
CA SER C 342 -27.75 11.57 5.55
C SER C 342 -28.32 12.40 4.41
N ALA C 343 -28.78 13.61 4.72
CA ALA C 343 -29.37 14.45 3.70
C ALA C 343 -28.31 15.00 2.75
N TYR C 344 -27.13 15.31 3.26
CA TYR C 344 -26.09 15.86 2.40
C TYR C 344 -25.08 14.82 1.94
N ILE C 345 -25.04 13.64 2.54
CA ILE C 345 -24.15 12.58 2.08
C ILE C 345 -24.89 11.62 1.16
N GLY C 346 -26.12 11.26 1.51
CA GLY C 346 -26.92 10.41 0.65
C GLY C 346 -27.35 11.05 -0.64
N SER C 347 -27.25 12.37 -0.74
CA SER C 347 -27.56 13.08 -1.97
C SER C 347 -26.34 13.37 -2.81
N SER C 348 -25.15 13.07 -2.30
CA SER C 348 -23.91 13.36 -3.01
C SER C 348 -23.14 12.14 -3.44
N THR C 349 -23.11 11.09 -2.62
CA THR C 349 -22.38 9.89 -2.94
C THR C 349 -23.25 8.78 -3.46
N ALA C 350 -24.57 8.92 -3.35
CA ALA C 350 -25.47 7.89 -3.82
C ALA C 350 -26.21 8.27 -5.10
N ILE C 351 -26.67 9.51 -5.21
CA ILE C 351 -27.41 9.91 -6.39
C ILE C 351 -26.61 10.98 -7.11
N GLY C 352 -25.83 11.76 -6.36
CA GLY C 352 -25.11 12.89 -6.91
C GLY C 352 -24.03 12.54 -7.91
N THR C 353 -22.99 11.83 -7.49
CA THR C 353 -21.94 11.40 -8.40
C THR C 353 -22.29 10.32 -9.43
N PRO C 354 -23.23 9.38 -9.24
CA PRO C 354 -23.59 8.53 -10.39
C PRO C 354 -24.28 9.26 -11.52
N ILE C 355 -24.98 10.37 -11.23
CA ILE C 355 -25.47 11.21 -12.31
C ILE C 355 -24.36 12.16 -12.78
N ALA C 356 -23.46 12.55 -11.90
CA ALA C 356 -22.35 13.42 -12.29
C ALA C 356 -21.30 12.72 -13.15
N ILE C 357 -21.35 11.41 -13.29
CA ILE C 357 -20.47 10.70 -14.22
C ILE C 357 -21.38 10.06 -15.26
N GLY C 358 -22.65 9.90 -14.91
CA GLY C 358 -23.57 9.29 -15.83
C GLY C 358 -23.92 10.14 -17.03
N VAL C 359 -24.66 11.23 -16.82
CA VAL C 359 -25.33 11.91 -17.91
C VAL C 359 -24.82 13.33 -18.12
N CYS C 360 -23.67 13.69 -17.56
CA CYS C 360 -23.16 15.04 -17.80
C CYS C 360 -21.71 15.11 -18.23
N ILE C 361 -20.89 14.10 -17.98
CA ILE C 361 -19.60 14.10 -18.67
C ILE C 361 -19.74 13.62 -20.13
N PRO C 362 -20.53 12.60 -20.52
CA PRO C 362 -20.70 12.40 -21.98
C PRO C 362 -21.57 13.47 -22.63
N LEU C 363 -22.32 14.24 -21.85
CA LEU C 363 -23.07 15.37 -22.40
C LEU C 363 -22.12 16.47 -22.86
N PHE C 364 -21.32 17.03 -21.94
CA PHE C 364 -20.50 18.18 -22.27
C PHE C 364 -19.28 17.84 -23.12
N ILE C 365 -18.96 16.56 -23.31
CA ILE C 365 -18.03 16.21 -24.39
C ILE C 365 -18.73 16.39 -25.74
N GLY C 366 -19.99 15.98 -25.82
CA GLY C 366 -20.75 16.17 -27.05
C GLY C 366 -21.07 17.62 -27.34
N LEU C 367 -21.26 18.43 -26.30
CA LEU C 367 -21.38 19.87 -26.48
C LEU C 367 -20.07 20.47 -26.98
N ALA C 368 -18.94 19.95 -26.48
CA ALA C 368 -17.66 20.44 -26.93
C ALA C 368 -17.34 19.98 -28.34
N GLN C 369 -17.80 18.78 -28.71
CA GLN C 369 -17.61 18.31 -30.08
C GLN C 369 -18.57 18.96 -31.07
N THR C 370 -19.61 19.63 -30.57
CA THR C 370 -20.51 20.34 -31.48
C THR C 370 -19.85 21.58 -32.03
N LEU C 371 -19.08 22.28 -31.21
CA LEU C 371 -18.43 23.51 -31.64
C LEU C 371 -17.22 23.20 -32.52
#